data_6OQA
#
_entry.id   6OQA
#
_cell.length_a   60.832
_cell.length_b   64.952
_cell.length_c   136.055
_cell.angle_alpha   90.000
_cell.angle_beta   90.460
_cell.angle_gamma   90.000
#
_symmetry.space_group_name_H-M   'P 1 21 1'
#
loop_
_entity.id
_entity.type
_entity.pdbx_description
1 polymer 'Peptidyl-prolyl cis-trans isomerase FKBP1A'
2 polymer 'Centrosome-associated protein CEP250'
3 non-polymer (3R,4E,7E,10R,11S,12R,13S,16R,17R,24aS)-11,17-dihydroxy-10,12,16-trimethyl-3-[(2R)-1-phenylbutan-2-yl]-6,9,10,11,12,13,14,15,16,17,22,23,24,24a-tetradecahydro-3H-13,17-epoxypyrido[2,1-c][1,4]oxazacyclohenicosine-1,18,19(21H)-trione
4 non-polymer 1,2-ETHANEDIOL
5 non-polymer DI(HYDROXYETHYL)ETHER
6 non-polymer 3,6,9,12,15,18,21-HEPTAOXATRICOSANE-1,23-DIOL
7 non-polymer 'TRIETHYLENE GLYCOL'
8 non-polymer 'TETRAETHYLENE GLYCOL'
9 non-polymer 'MAGNESIUM ION'
10 non-polymer 'MALONIC ACID'
11 water water
#
loop_
_entity_poly.entity_id
_entity_poly.type
_entity_poly.pdbx_seq_one_letter_code
_entity_poly.pdbx_strand_id
1 'polypeptide(L)'
;MGVQVETISPGDGRTFPKRGQTCVVHYTGMLEDGKKFDSSRDRNKPFKFMLGKQEVIRGWEEGVAQMSVGQRAKLTISPD
YAYGATGHPGIIPPHATLVFDVELLKLE
;
A,B,E,F
2 'polypeptide(L)'
;MEEQSLKLDSLEPRLQRELERLQAALRQTEAREIEWREKAQDLALSLAQTKASVSSLQEVAMFLQASVLERDSEQQRLQD
ELELTRRALEKERLHSPG
;
C,D,G,H
#
# COMPACT_ATOMS: atom_id res chain seq x y z
N MET A 1 -0.52 -31.95 -11.14
CA MET A 1 -1.16 -31.17 -10.04
C MET A 1 -0.62 -29.74 -10.02
N GLY A 2 -0.48 -29.15 -11.21
CA GLY A 2 0.15 -27.83 -11.38
C GLY A 2 0.60 -27.58 -12.81
N VAL A 3 1.78 -26.96 -12.96
CA VAL A 3 2.40 -26.76 -14.28
C VAL A 3 3.87 -27.15 -14.25
N GLN A 4 4.33 -27.85 -15.30
CA GLN A 4 5.72 -28.19 -15.51
C GLN A 4 6.27 -27.44 -16.74
N VAL A 5 7.48 -26.90 -16.61
CA VAL A 5 8.14 -26.10 -17.63
C VAL A 5 9.41 -26.82 -18.09
N GLU A 6 9.46 -27.18 -19.37
CA GLU A 6 10.63 -27.80 -20.01
C GLU A 6 11.14 -26.91 -21.13
N THR A 7 12.39 -26.47 -21.04
CA THR A 7 12.98 -25.56 -22.02
C THR A 7 13.21 -26.27 -23.36
N ILE A 8 12.67 -25.68 -24.43
CA ILE A 8 12.93 -26.12 -25.80
C ILE A 8 14.13 -25.34 -26.36
N SER A 9 14.10 -24.00 -26.22
CA SER A 9 15.22 -23.12 -26.57
C SER A 9 15.44 -22.10 -25.45
N PRO A 10 16.71 -21.84 -25.06
CA PRO A 10 16.95 -20.91 -23.95
C PRO A 10 16.75 -19.44 -24.31
N GLY A 11 16.36 -18.65 -23.31
CA GLY A 11 16.29 -17.19 -23.43
C GLY A 11 17.60 -16.57 -23.00
N ASP A 12 17.57 -15.27 -22.72
CA ASP A 12 18.76 -14.55 -22.25
C ASP A 12 19.14 -14.85 -20.79
N GLY A 13 18.24 -15.51 -20.04
CA GLY A 13 18.50 -15.93 -18.65
C GLY A 13 18.56 -14.79 -17.64
N ARG A 14 18.08 -13.61 -18.04
CA ARG A 14 18.27 -12.36 -17.31
C ARG A 14 17.03 -11.45 -17.26
N THR A 15 16.23 -11.43 -18.32
CA THR A 15 15.06 -10.55 -18.41
C THR A 15 13.79 -11.35 -18.14
N PHE A 16 13.33 -11.29 -16.89
CA PHE A 16 12.15 -12.03 -16.43
C PHE A 16 10.99 -11.06 -16.23
N PRO A 17 9.77 -11.44 -16.66
CA PRO A 17 8.65 -10.52 -16.53
C PRO A 17 8.25 -10.31 -15.07
N LYS A 18 7.89 -9.07 -14.76
CA LYS A 18 7.37 -8.71 -13.46
C LYS A 18 5.86 -8.52 -13.60
N ARG A 19 5.16 -8.62 -12.48
CA ARG A 19 3.71 -8.37 -12.47
C ARG A 19 3.48 -6.91 -12.86
N GLY A 20 2.53 -6.67 -13.75
CA GLY A 20 2.30 -5.34 -14.34
C GLY A 20 2.91 -5.12 -15.73
N GLN A 21 3.82 -6.01 -16.14
CA GLN A 21 4.41 -5.96 -17.49
C GLN A 21 3.61 -6.80 -18.49
N THR A 22 3.52 -6.29 -19.72
CA THR A 22 2.86 -6.98 -20.82
C THR A 22 3.86 -7.98 -21.42
N CYS A 23 3.45 -9.24 -21.48
CA CYS A 23 4.24 -10.30 -22.12
C CYS A 23 3.75 -10.46 -23.54
N VAL A 24 4.68 -10.43 -24.49
CA VAL A 24 4.37 -10.66 -25.90
C VAL A 24 4.89 -12.04 -26.24
N VAL A 25 4.00 -12.91 -26.73
CA VAL A 25 4.33 -14.31 -26.91
C VAL A 25 3.72 -14.92 -28.15
N HIS A 26 4.33 -16.01 -28.59
CA HIS A 26 3.69 -16.92 -29.51
C HIS A 26 3.43 -18.20 -28.76
N TYR A 27 2.30 -18.85 -29.05
CA TYR A 27 1.97 -20.14 -28.44
C TYR A 27 1.28 -21.07 -29.43
N THR A 28 1.45 -22.38 -29.21
CA THR A 28 0.60 -23.40 -29.81
C THR A 28 0.02 -24.22 -28.65
N GLY A 29 -1.32 -24.32 -28.61
CA GLY A 29 -2.04 -25.09 -27.60
C GLY A 29 -2.41 -26.46 -28.12
N MET A 30 -2.04 -27.51 -27.37
CA MET A 30 -2.31 -28.90 -27.74
C MET A 30 -2.96 -29.70 -26.60
N LEU A 31 -3.79 -30.67 -26.95
CA LEU A 31 -4.27 -31.67 -25.98
C LEU A 31 -3.13 -32.65 -25.66
N GLU A 32 -3.34 -33.51 -24.67
CA GLU A 32 -2.27 -34.39 -24.18
C GLU A 32 -1.70 -35.35 -25.25
N ASP A 33 -2.55 -35.75 -26.20
CA ASP A 33 -2.14 -36.57 -27.34
C ASP A 33 -1.41 -35.83 -28.48
N GLY A 34 -1.36 -34.51 -28.41
CA GLY A 34 -0.69 -33.68 -29.43
C GLY A 34 -1.62 -33.00 -30.42
N LYS A 35 -2.93 -33.16 -30.25
CA LYS A 35 -3.92 -32.52 -31.12
C LYS A 35 -3.97 -31.02 -30.86
N LYS A 36 -3.73 -30.23 -31.89
CA LYS A 36 -3.70 -28.78 -31.80
C LYS A 36 -5.12 -28.26 -31.69
N PHE A 37 -5.40 -27.41 -30.68
CA PHE A 37 -6.68 -26.68 -30.59
C PHE A 37 -6.59 -25.17 -30.88
N ASP A 38 -5.40 -24.57 -30.81
CA ASP A 38 -5.24 -23.12 -31.08
C ASP A 38 -3.77 -22.79 -31.34
N SER A 39 -3.54 -21.72 -32.11
CA SER A 39 -2.17 -21.24 -32.37
C SER A 39 -2.12 -19.78 -32.81
N SER A 40 -1.36 -18.96 -32.08
CA SER A 40 -1.06 -17.58 -32.52
C SER A 40 -0.14 -17.52 -33.74
N ARG A 41 0.69 -18.56 -33.95
N ARG A 41 0.69 -18.56 -33.94
CA ARG A 41 1.55 -18.68 -35.11
CA ARG A 41 1.55 -18.66 -35.11
C ARG A 41 0.76 -18.84 -36.41
C ARG A 41 0.76 -18.84 -36.41
N ASP A 42 -0.28 -19.68 -36.38
CA ASP A 42 -1.16 -19.86 -37.54
C ASP A 42 -1.92 -18.58 -37.94
N ARG A 43 -2.14 -17.69 -36.96
CA ARG A 43 -2.70 -16.34 -37.20
C ARG A 43 -1.68 -15.28 -37.61
N ASN A 44 -0.38 -15.60 -37.56
CA ASN A 44 0.71 -14.63 -37.75
C ASN A 44 0.59 -13.41 -36.84
N LYS A 45 0.23 -13.64 -35.58
CA LYS A 45 -0.12 -12.54 -34.68
C LYS A 45 0.25 -12.88 -33.24
N PRO A 46 1.38 -12.34 -32.75
CA PRO A 46 1.77 -12.52 -31.35
C PRO A 46 0.65 -12.17 -30.37
N PHE A 47 0.53 -12.98 -29.32
CA PHE A 47 -0.50 -12.79 -28.28
C PHE A 47 0.08 -11.95 -27.14
N LYS A 48 -0.72 -11.03 -26.61
CA LYS A 48 -0.30 -10.14 -25.51
C LYS A 48 -1.18 -10.30 -24.26
N PHE A 49 -0.55 -10.37 -23.09
CA PHE A 49 -1.27 -10.35 -21.82
C PHE A 49 -0.38 -9.72 -20.75
N MET A 50 -1.01 -9.09 -19.76
CA MET A 50 -0.28 -8.50 -18.65
C MET A 50 -0.22 -9.50 -17.50
N LEU A 51 0.99 -9.79 -17.04
CA LEU A 51 1.24 -10.66 -15.91
C LEU A 51 0.73 -10.01 -14.60
N GLY A 52 0.19 -10.84 -13.71
CA GLY A 52 -0.31 -10.39 -12.40
C GLY A 52 -1.68 -9.72 -12.39
N LYS A 53 -2.45 -9.89 -13.47
CA LYS A 53 -3.78 -9.27 -13.58
C LYS A 53 -4.91 -10.30 -13.80
N GLN A 54 -4.65 -11.57 -13.50
CA GLN A 54 -5.63 -12.66 -13.63
C GLN A 54 -6.26 -12.75 -15.03
N GLU A 55 -5.46 -12.46 -16.05
CA GLU A 55 -5.92 -12.43 -17.44
C GLU A 55 -5.90 -13.80 -18.13
N VAL A 56 -5.13 -14.75 -17.58
CA VAL A 56 -4.94 -16.06 -18.21
C VAL A 56 -5.04 -17.20 -17.18
N ILE A 57 -5.13 -18.44 -17.66
CA ILE A 57 -5.20 -19.60 -16.75
C ILE A 57 -3.97 -19.68 -15.85
N ARG A 58 -4.18 -20.20 -14.64
CA ARG A 58 -3.13 -20.23 -13.62
C ARG A 58 -1.83 -20.90 -14.08
N GLY A 59 -1.94 -21.96 -14.88
CA GLY A 59 -0.77 -22.63 -15.45
C GLY A 59 0.11 -21.71 -16.30
N TRP A 60 -0.53 -20.77 -17.00
CA TRP A 60 0.19 -19.72 -17.76
C TRP A 60 0.83 -18.72 -16.87
N GLU A 61 0.05 -18.21 -15.90
CA GLU A 61 0.54 -17.21 -14.94
C GLU A 61 1.81 -17.67 -14.24
N GLU A 62 1.83 -18.95 -13.87
CA GLU A 62 2.98 -19.54 -13.16
C GLU A 62 4.10 -19.93 -14.10
N GLY A 63 3.76 -20.47 -15.27
CA GLY A 63 4.77 -20.94 -16.24
C GLY A 63 5.53 -19.83 -16.94
N VAL A 64 4.79 -18.84 -17.44
CA VAL A 64 5.38 -17.75 -18.22
C VAL A 64 6.26 -16.87 -17.33
N ALA A 65 5.84 -16.71 -16.07
CA ALA A 65 6.63 -15.99 -15.05
C ALA A 65 8.01 -16.60 -14.78
N GLN A 66 8.20 -17.88 -15.08
CA GLN A 66 9.51 -18.55 -14.97
C GLN A 66 10.40 -18.37 -16.20
N MET A 67 9.89 -17.77 -17.28
CA MET A 67 10.62 -17.67 -18.54
C MET A 67 11.37 -16.34 -18.65
N SER A 68 12.52 -16.38 -19.34
CA SER A 68 13.27 -15.18 -19.69
C SER A 68 13.04 -14.85 -21.15
N VAL A 69 13.26 -13.59 -21.52
CA VAL A 69 13.03 -13.12 -22.89
C VAL A 69 13.87 -13.92 -23.87
N GLY A 70 13.23 -14.40 -24.94
CA GLY A 70 13.86 -15.29 -25.91
C GLY A 70 13.63 -16.77 -25.66
N GLN A 71 13.19 -17.15 -24.44
CA GLN A 71 13.01 -18.57 -24.12
C GLN A 71 11.79 -19.15 -24.82
N ARG A 72 11.94 -20.37 -25.31
CA ARG A 72 10.86 -21.18 -25.80
C ARG A 72 10.75 -22.39 -24.86
N ALA A 73 9.52 -22.71 -24.44
CA ALA A 73 9.30 -23.74 -23.43
C ALA A 73 8.00 -24.49 -23.65
N LYS A 74 7.97 -25.75 -23.19
CA LYS A 74 6.78 -26.58 -23.19
C LYS A 74 6.16 -26.47 -21.80
N LEU A 75 4.91 -26.00 -21.72
CA LEU A 75 4.15 -25.93 -20.46
C LEU A 75 3.14 -27.07 -20.46
N THR A 76 3.27 -27.99 -19.51
CA THR A 76 2.31 -29.10 -19.34
C THR A 76 1.49 -28.76 -18.10
N ILE A 77 0.19 -28.60 -18.30
CA ILE A 77 -0.69 -27.99 -17.30
C ILE A 77 -1.80 -28.96 -16.95
N SER A 78 -1.96 -29.25 -15.66
CA SER A 78 -3.02 -30.14 -15.17
C SER A 78 -4.39 -29.45 -15.26
N PRO A 79 -5.49 -30.24 -15.29
CA PRO A 79 -6.84 -29.67 -15.41
C PRO A 79 -7.20 -28.60 -14.38
N ASP A 80 -6.74 -28.78 -13.14
CA ASP A 80 -7.01 -27.83 -12.06
C ASP A 80 -6.36 -26.45 -12.22
N TYR A 81 -5.30 -26.39 -13.05
CA TYR A 81 -4.62 -25.15 -13.41
C TYR A 81 -5.05 -24.67 -14.83
N ALA A 82 -6.05 -25.33 -15.41
CA ALA A 82 -6.61 -24.98 -16.72
C ALA A 82 -8.14 -24.99 -16.64
N TYR A 83 -8.82 -25.91 -17.34
CA TYR A 83 -10.28 -25.84 -17.51
C TYR A 83 -11.09 -26.93 -16.77
N GLY A 84 -10.40 -27.70 -15.93
CA GLY A 84 -11.04 -28.56 -14.93
C GLY A 84 -12.00 -29.61 -15.47
N ALA A 85 -13.07 -29.85 -14.70
CA ALA A 85 -14.10 -30.85 -15.03
C ALA A 85 -14.93 -30.47 -16.25
N THR A 86 -15.23 -29.19 -16.40
CA THR A 86 -16.15 -28.70 -17.45
C THR A 86 -15.50 -28.60 -18.85
N GLY A 87 -14.26 -28.15 -18.92
CA GLY A 87 -13.59 -27.94 -20.21
C GLY A 87 -14.29 -26.86 -21.03
N HIS A 88 -14.24 -27.01 -22.35
CA HIS A 88 -14.94 -26.12 -23.29
C HIS A 88 -15.45 -26.96 -24.41
N PRO A 89 -16.75 -27.35 -24.36
CA PRO A 89 -17.31 -28.27 -25.35
C PRO A 89 -16.98 -27.93 -26.81
N GLY A 90 -16.39 -28.91 -27.50
CA GLY A 90 -15.98 -28.75 -28.90
C GLY A 90 -14.54 -28.30 -29.10
N ILE A 91 -13.86 -27.97 -28.01
CA ILE A 91 -12.48 -27.49 -28.06
C ILE A 91 -11.59 -28.22 -27.06
N ILE A 92 -11.98 -28.18 -25.78
CA ILE A 92 -11.24 -28.78 -24.69
C ILE A 92 -12.18 -29.75 -23.98
N PRO A 93 -11.87 -31.07 -23.97
CA PRO A 93 -12.76 -32.00 -23.27
C PRO A 93 -12.64 -31.93 -21.73
N PRO A 94 -13.56 -32.61 -21.01
CA PRO A 94 -13.45 -32.71 -19.54
C PRO A 94 -12.10 -33.25 -19.06
N HIS A 95 -11.57 -32.65 -17.99
CA HIS A 95 -10.34 -33.11 -17.32
C HIS A 95 -9.14 -33.16 -18.22
N ALA A 96 -8.99 -32.16 -19.07
CA ALA A 96 -7.91 -32.15 -20.08
C ALA A 96 -6.61 -31.59 -19.51
N THR A 97 -5.56 -32.40 -19.51
CA THR A 97 -4.20 -31.91 -19.33
C THR A 97 -3.79 -31.21 -20.63
N LEU A 98 -3.28 -29.98 -20.53
CA LEU A 98 -2.93 -29.17 -21.72
C LEU A 98 -1.43 -29.00 -21.86
N VAL A 99 -0.97 -28.96 -23.11
CA VAL A 99 0.43 -28.72 -23.45
C VAL A 99 0.50 -27.47 -24.32
N PHE A 100 1.20 -26.45 -23.83
CA PHE A 100 1.44 -25.23 -24.62
C PHE A 100 2.91 -25.11 -24.97
N ASP A 101 3.18 -24.94 -26.27
CA ASP A 101 4.50 -24.59 -26.78
C ASP A 101 4.51 -23.06 -26.82
N VAL A 102 5.22 -22.44 -25.89
CA VAL A 102 5.20 -20.99 -25.68
C VAL A 102 6.59 -20.39 -25.87
N GLU A 103 6.66 -19.24 -26.56
CA GLU A 103 7.91 -18.48 -26.71
C GLU A 103 7.70 -17.03 -26.26
N LEU A 104 8.56 -16.55 -25.37
CA LEU A 104 8.47 -15.18 -24.87
C LEU A 104 9.29 -14.28 -25.81
N LEU A 105 8.59 -13.48 -26.60
CA LEU A 105 9.21 -12.69 -27.67
C LEU A 105 9.81 -11.41 -27.10
N LYS A 106 9.03 -10.72 -26.26
CA LYS A 106 9.50 -9.51 -25.58
C LYS A 106 8.55 -9.08 -24.48
N LEU A 107 8.99 -8.10 -23.71
CA LEU A 107 8.20 -7.44 -22.70
C LEU A 107 7.97 -6.01 -23.13
N GLU A 108 6.75 -5.50 -22.93
CA GLU A 108 6.46 -4.08 -23.12
C GLU A 108 5.58 -3.54 -21.98
N GLY B 2 -27.19 5.90 -39.28
CA GLY B 2 -27.42 6.10 -37.82
C GLY B 2 -28.25 5.00 -37.15
N VAL B 3 -28.92 5.36 -36.06
CA VAL B 3 -29.85 4.48 -35.34
C VAL B 3 -31.20 5.16 -35.12
N GLN B 4 -32.27 4.41 -35.40
CA GLN B 4 -33.66 4.80 -35.18
C GLN B 4 -34.12 4.06 -33.92
N VAL B 5 -34.81 4.76 -33.02
CA VAL B 5 -35.37 4.19 -31.78
C VAL B 5 -36.90 4.30 -31.80
N GLU B 6 -37.59 3.16 -31.86
CA GLU B 6 -39.06 3.08 -31.79
C GLU B 6 -39.48 2.32 -30.53
N THR B 7 -40.53 2.80 -29.86
CA THR B 7 -40.98 2.21 -28.60
C THR B 7 -41.86 0.98 -28.83
N ILE B 8 -41.48 -0.14 -28.22
CA ILE B 8 -42.33 -1.35 -28.16
C ILE B 8 -43.24 -1.26 -26.92
N SER B 9 -42.64 -1.03 -25.75
CA SER B 9 -43.36 -0.89 -24.46
C SER B 9 -42.75 0.27 -23.67
N PRO B 10 -43.59 1.16 -23.12
CA PRO B 10 -43.06 2.36 -22.47
C PRO B 10 -42.28 2.07 -21.18
N GLY B 11 -41.27 2.90 -20.90
CA GLY B 11 -40.53 2.85 -19.64
C GLY B 11 -41.12 3.84 -18.66
N ASP B 12 -40.37 4.24 -17.64
CA ASP B 12 -40.85 5.22 -16.66
C ASP B 12 -40.78 6.66 -17.20
N GLY B 13 -40.08 6.86 -18.32
CA GLY B 13 -40.02 8.15 -18.98
C GLY B 13 -39.22 9.24 -18.27
N ARG B 14 -38.42 8.87 -17.27
CA ARG B 14 -37.60 9.84 -16.53
C ARG B 14 -36.22 9.38 -16.04
N THR B 15 -35.96 8.07 -15.97
CA THR B 15 -34.65 7.54 -15.55
C THR B 15 -33.88 7.09 -16.79
N PHE B 16 -33.05 7.99 -17.31
CA PHE B 16 -32.22 7.72 -18.49
C PHE B 16 -30.76 7.49 -18.09
N PRO B 17 -30.06 6.56 -18.76
CA PRO B 17 -28.69 6.26 -18.31
C PRO B 17 -27.66 7.36 -18.62
N LYS B 18 -26.75 7.57 -17.67
CA LYS B 18 -25.68 8.56 -17.77
C LYS B 18 -24.36 7.85 -18.02
N ARG B 19 -23.38 8.58 -18.53
CA ARG B 19 -22.04 8.03 -18.77
C ARG B 19 -21.47 7.45 -17.47
N GLY B 20 -20.85 6.28 -17.56
CA GLY B 20 -20.30 5.62 -16.38
C GLY B 20 -21.27 4.74 -15.59
N GLN B 21 -22.54 4.71 -16.01
CA GLN B 21 -23.55 3.82 -15.43
C GLN B 21 -23.63 2.50 -16.20
N THR B 22 -23.87 1.42 -15.47
CA THR B 22 -24.01 0.10 -16.09
C THR B 22 -25.45 -0.14 -16.48
N CYS B 23 -25.68 -0.36 -17.77
CA CYS B 23 -26.98 -0.73 -18.29
C CYS B 23 -27.13 -2.26 -18.26
N VAL B 24 -28.23 -2.74 -17.68
CA VAL B 24 -28.58 -4.16 -17.65
C VAL B 24 -29.77 -4.35 -18.59
N VAL B 25 -29.59 -5.17 -19.63
CA VAL B 25 -30.62 -5.34 -20.65
C VAL B 25 -30.84 -6.79 -21.03
N HIS B 26 -31.99 -7.03 -21.64
CA HIS B 26 -32.21 -8.23 -22.45
C HIS B 26 -32.36 -7.80 -23.88
N TYR B 27 -31.78 -8.54 -24.81
CA TYR B 27 -31.86 -8.18 -26.22
C TYR B 27 -32.05 -9.39 -27.12
N THR B 28 -32.68 -9.14 -28.27
CA THR B 28 -32.63 -10.06 -29.40
C THR B 28 -32.08 -9.31 -30.61
N GLY B 29 -31.07 -9.90 -31.25
CA GLY B 29 -30.44 -9.32 -32.46
C GLY B 29 -30.94 -10.02 -33.70
N MET B 30 -31.41 -9.24 -34.67
CA MET B 30 -31.94 -9.77 -35.94
C MET B 30 -31.39 -9.03 -37.16
N LEU B 31 -31.33 -9.72 -38.29
CA LEU B 31 -31.14 -9.08 -39.59
C LEU B 31 -32.45 -8.41 -40.01
N GLU B 32 -32.40 -7.69 -41.12
CA GLU B 32 -33.53 -6.85 -41.53
C GLU B 32 -34.82 -7.62 -41.91
N ASP B 33 -34.67 -8.90 -42.27
CA ASP B 33 -35.79 -9.81 -42.50
C ASP B 33 -36.34 -10.51 -41.23
N GLY B 34 -35.88 -10.11 -40.05
CA GLY B 34 -36.30 -10.71 -38.79
C GLY B 34 -35.58 -11.98 -38.35
N LYS B 35 -34.60 -12.45 -39.13
CA LYS B 35 -33.84 -13.67 -38.79
C LYS B 35 -32.93 -13.41 -37.58
N LYS B 36 -33.15 -14.14 -36.50
CA LYS B 36 -32.38 -13.97 -35.26
C LYS B 36 -30.94 -14.47 -35.44
N PHE B 37 -29.98 -13.71 -34.92
CA PHE B 37 -28.58 -14.14 -34.86
C PHE B 37 -28.02 -14.27 -33.44
N ASP B 38 -28.69 -13.67 -32.45
CA ASP B 38 -28.26 -13.74 -31.05
C ASP B 38 -29.39 -13.29 -30.14
N SER B 39 -29.40 -13.80 -28.91
CA SER B 39 -30.36 -13.38 -27.91
C SER B 39 -29.90 -13.70 -26.49
N SER B 40 -29.92 -12.70 -25.63
CA SER B 40 -29.64 -12.88 -24.20
C SER B 40 -30.78 -13.63 -23.48
N ARG B 41 -32.00 -13.52 -24.03
CA ARG B 41 -33.18 -14.22 -23.49
C ARG B 41 -33.07 -15.74 -23.63
N ASP B 42 -32.63 -16.21 -24.80
CA ASP B 42 -32.32 -17.63 -25.03
C ASP B 42 -31.35 -18.23 -24.00
N ARG B 43 -30.41 -17.41 -23.50
CA ARG B 43 -29.47 -17.82 -22.45
C ARG B 43 -30.00 -17.62 -21.03
N ASN B 44 -31.15 -16.95 -20.90
CA ASN B 44 -31.64 -16.44 -19.61
C ASN B 44 -30.56 -15.67 -18.81
N LYS B 45 -29.82 -14.80 -19.51
CA LYS B 45 -28.69 -14.10 -18.90
C LYS B 45 -28.66 -12.63 -19.37
N PRO B 46 -29.21 -11.70 -18.56
CA PRO B 46 -29.20 -10.28 -18.95
C PRO B 46 -27.80 -9.77 -19.31
N PHE B 47 -27.69 -9.03 -20.42
CA PHE B 47 -26.40 -8.45 -20.85
C PHE B 47 -26.13 -7.12 -20.16
N LYS B 48 -24.86 -6.91 -19.74
CA LYS B 48 -24.43 -5.69 -19.04
C LYS B 48 -23.29 -4.96 -19.76
N PHE B 49 -23.37 -3.64 -19.81
CA PHE B 49 -22.32 -2.80 -20.40
C PHE B 49 -22.37 -1.39 -19.77
N MET B 50 -21.22 -0.73 -19.71
CA MET B 50 -21.11 0.61 -19.13
C MET B 50 -21.19 1.65 -20.24
N LEU B 51 -22.15 2.57 -20.10
CA LEU B 51 -22.40 3.60 -21.12
C LEU B 51 -21.23 4.57 -21.20
N GLY B 52 -20.84 4.91 -22.43
CA GLY B 52 -19.77 5.87 -22.69
C GLY B 52 -18.35 5.34 -22.71
N LYS B 53 -18.16 4.04 -22.51
CA LYS B 53 -16.81 3.43 -22.52
C LYS B 53 -16.46 2.72 -23.85
N GLN B 54 -17.31 2.88 -24.86
CA GLN B 54 -17.18 2.22 -26.16
C GLN B 54 -17.00 0.70 -26.07
N GLU B 55 -17.74 0.06 -25.15
CA GLU B 55 -17.76 -1.40 -25.01
C GLU B 55 -18.66 -2.07 -26.05
N VAL B 56 -19.55 -1.29 -26.67
CA VAL B 56 -20.54 -1.78 -27.61
C VAL B 56 -20.57 -0.88 -28.85
N ILE B 57 -21.29 -1.32 -29.87
CA ILE B 57 -21.37 -0.58 -31.15
C ILE B 57 -22.05 0.78 -30.96
N ARG B 58 -21.78 1.67 -31.91
CA ARG B 58 -22.22 3.07 -31.84
C ARG B 58 -23.75 3.20 -31.76
N GLY B 59 -24.46 2.41 -32.56
CA GLY B 59 -25.93 2.33 -32.53
C GLY B 59 -26.54 2.01 -31.17
N TRP B 60 -25.85 1.19 -30.38
CA TRP B 60 -26.25 0.93 -28.99
C TRP B 60 -25.92 2.07 -28.09
N GLU B 61 -24.71 2.62 -28.24
CA GLU B 61 -24.25 3.76 -27.43
C GLU B 61 -25.28 4.89 -27.52
N GLU B 62 -25.71 5.20 -28.74
CA GLU B 62 -26.70 6.26 -29.00
C GLU B 62 -28.12 5.82 -28.68
N GLY B 63 -28.50 4.62 -29.11
CA GLY B 63 -29.87 4.13 -28.94
C GLY B 63 -30.30 3.90 -27.49
N VAL B 64 -29.47 3.19 -26.73
CA VAL B 64 -29.84 2.82 -25.36
C VAL B 64 -29.90 4.03 -24.44
N ALA B 65 -28.98 4.98 -24.63
CA ALA B 65 -29.00 6.26 -23.90
C ALA B 65 -30.30 7.06 -24.06
N GLN B 66 -31.06 6.82 -25.14
CA GLN B 66 -32.39 7.43 -25.31
C GLN B 66 -33.52 6.67 -24.61
N MET B 67 -33.22 5.52 -24.01
CA MET B 67 -34.24 4.68 -23.37
C MET B 67 -34.32 4.97 -21.87
N SER B 68 -35.53 4.85 -21.31
CA SER B 68 -35.72 4.96 -19.85
C SER B 68 -35.89 3.57 -19.22
N VAL B 69 -35.56 3.46 -17.94
CA VAL B 69 -35.66 2.17 -17.21
C VAL B 69 -37.07 1.60 -17.34
N GLY B 70 -37.15 0.32 -17.72
CA GLY B 70 -38.41 -0.36 -18.03
C GLY B 70 -38.79 -0.36 -19.51
N GLN B 71 -38.22 0.51 -20.32
CA GLN B 71 -38.60 0.63 -21.73
C GLN B 71 -38.09 -0.55 -22.54
N ARG B 72 -38.94 -1.03 -23.45
CA ARG B 72 -38.56 -1.98 -24.46
C ARG B 72 -38.65 -1.27 -25.80
N ALA B 73 -37.60 -1.37 -26.62
CA ALA B 73 -37.50 -0.58 -27.86
C ALA B 73 -36.89 -1.37 -29.00
N LYS B 74 -37.29 -1.03 -30.22
CA LYS B 74 -36.67 -1.52 -31.45
C LYS B 74 -35.62 -0.52 -31.92
N LEU B 75 -34.35 -0.95 -31.91
CA LEU B 75 -33.24 -0.18 -32.50
C LEU B 75 -32.92 -0.68 -33.90
N THR B 76 -33.16 0.15 -34.92
CA THR B 76 -32.78 -0.17 -36.29
C THR B 76 -31.47 0.54 -36.59
N ILE B 77 -30.40 -0.23 -36.80
CA ILE B 77 -29.04 0.29 -36.84
C ILE B 77 -28.47 0.08 -38.24
N SER B 78 -28.09 1.18 -38.90
CA SER B 78 -27.49 1.11 -40.24
C SER B 78 -26.05 0.62 -40.13
N PRO B 79 -25.48 0.07 -41.22
CA PRO B 79 -24.17 -0.58 -41.06
C PRO B 79 -23.02 0.30 -40.59
N ASP B 80 -23.05 1.61 -40.88
CA ASP B 80 -22.00 2.53 -40.39
C ASP B 80 -21.99 2.70 -38.87
N TYR B 81 -23.12 2.43 -38.21
CA TYR B 81 -23.22 2.43 -36.74
C TYR B 81 -23.16 1.00 -36.15
N ALA B 82 -22.87 0.01 -36.98
CA ALA B 82 -22.78 -1.40 -36.55
C ALA B 82 -21.47 -1.99 -37.10
N TYR B 83 -21.54 -2.87 -38.11
CA TYR B 83 -20.37 -3.62 -38.54
C TYR B 83 -19.90 -3.32 -39.98
N GLY B 84 -20.48 -2.30 -40.59
CA GLY B 84 -19.95 -1.70 -41.83
C GLY B 84 -19.81 -2.63 -43.02
N ALA B 85 -18.74 -2.42 -43.79
CA ALA B 85 -18.48 -3.11 -45.03
C ALA B 85 -17.93 -4.54 -44.83
N THR B 86 -17.45 -4.85 -43.63
CA THR B 86 -16.83 -6.16 -43.36
C THR B 86 -17.84 -7.13 -42.77
N GLY B 87 -18.65 -6.66 -41.82
CA GLY B 87 -19.55 -7.54 -41.07
C GLY B 87 -18.77 -8.55 -40.26
N HIS B 88 -19.36 -9.72 -40.02
CA HIS B 88 -18.71 -10.81 -39.28
C HIS B 88 -19.07 -12.09 -39.96
N PRO B 89 -18.15 -12.67 -40.77
CA PRO B 89 -18.47 -13.85 -41.58
C PRO B 89 -19.12 -14.98 -40.77
N GLY B 90 -20.18 -15.56 -41.34
CA GLY B 90 -20.98 -16.60 -40.69
C GLY B 90 -22.08 -16.07 -39.77
N ILE B 91 -22.07 -14.77 -39.48
CA ILE B 91 -22.98 -14.16 -38.52
C ILE B 91 -23.70 -12.94 -39.10
N ILE B 92 -22.91 -11.92 -39.49
CA ILE B 92 -23.44 -10.65 -39.99
C ILE B 92 -22.87 -10.42 -41.40
N PRO B 93 -23.73 -10.30 -42.43
CA PRO B 93 -23.23 -10.00 -43.77
C PRO B 93 -22.64 -8.57 -43.90
N PRO B 94 -21.79 -8.34 -44.90
CA PRO B 94 -21.34 -6.98 -45.21
C PRO B 94 -22.49 -6.02 -45.50
N HIS B 95 -22.36 -4.76 -45.06
CA HIS B 95 -23.39 -3.74 -45.25
C HIS B 95 -24.78 -4.10 -44.74
N ALA B 96 -24.85 -4.81 -43.61
CA ALA B 96 -26.13 -5.22 -43.04
C ALA B 96 -26.72 -4.14 -42.13
N THR B 97 -28.00 -3.85 -42.32
CA THR B 97 -28.78 -3.12 -41.33
C THR B 97 -29.23 -4.14 -40.26
N LEU B 98 -29.06 -3.81 -38.98
CA LEU B 98 -29.46 -4.69 -37.88
C LEU B 98 -30.69 -4.14 -37.17
N VAL B 99 -31.52 -5.06 -36.65
CA VAL B 99 -32.63 -4.71 -35.76
C VAL B 99 -32.41 -5.39 -34.41
N PHE B 100 -32.37 -4.57 -33.36
CA PHE B 100 -32.30 -5.08 -31.98
C PHE B 100 -33.56 -4.74 -31.21
N ASP B 101 -34.16 -5.77 -30.59
CA ASP B 101 -35.25 -5.62 -29.63
C ASP B 101 -34.56 -5.59 -28.26
N VAL B 102 -34.52 -4.41 -27.64
CA VAL B 102 -33.79 -4.20 -26.40
C VAL B 102 -34.74 -3.78 -25.28
N GLU B 103 -34.59 -4.38 -24.10
CA GLU B 103 -35.31 -3.93 -22.89
C GLU B 103 -34.31 -3.47 -21.83
N LEU B 104 -34.44 -2.22 -21.38
CA LEU B 104 -33.60 -1.70 -20.31
C LEU B 104 -34.19 -2.09 -18.96
N LEU B 105 -33.60 -3.11 -18.33
CA LEU B 105 -34.16 -3.70 -17.11
C LEU B 105 -33.87 -2.85 -15.89
N LYS B 106 -32.62 -2.40 -15.76
CA LYS B 106 -32.21 -1.56 -14.64
C LYS B 106 -30.87 -0.88 -14.93
N LEU B 107 -30.51 0.04 -14.05
CA LEU B 107 -29.19 0.67 -14.02
C LEU B 107 -28.50 0.34 -12.72
N GLU B 108 -27.18 0.15 -12.76
CA GLU B 108 -26.38 -0.03 -11.55
C GLU B 108 -25.01 0.62 -11.69
N PRO C 13 -24.97 -62.31 -77.90
CA PRO C 13 -26.39 -61.99 -78.02
C PRO C 13 -26.68 -60.49 -78.12
N ARG C 14 -27.96 -60.13 -78.06
CA ARG C 14 -28.41 -58.74 -78.14
C ARG C 14 -28.47 -58.13 -76.74
N LEU C 15 -29.12 -58.85 -75.82
CA LEU C 15 -29.40 -58.36 -74.46
C LEU C 15 -28.22 -58.45 -73.47
N GLN C 16 -27.28 -59.37 -73.70
CA GLN C 16 -26.10 -59.54 -72.84
C GLN C 16 -25.24 -58.27 -72.72
N ARG C 17 -25.17 -57.51 -73.82
CA ARG C 17 -24.44 -56.23 -73.83
C ARG C 17 -25.15 -55.19 -72.97
N GLU C 18 -26.47 -55.11 -73.09
CA GLU C 18 -27.28 -54.17 -72.31
C GLU C 18 -27.39 -54.57 -70.83
N LEU C 19 -27.40 -55.88 -70.56
CA LEU C 19 -27.37 -56.41 -69.20
C LEU C 19 -26.06 -56.04 -68.50
N GLU C 20 -24.93 -56.25 -69.20
CA GLU C 20 -23.61 -55.83 -68.71
C GLU C 20 -23.52 -54.30 -68.51
N ARG C 21 -24.12 -53.55 -69.43
CA ARG C 21 -24.15 -52.09 -69.32
C ARG C 21 -25.02 -51.59 -68.17
N LEU C 22 -26.14 -52.29 -67.92
CA LEU C 22 -27.03 -51.96 -66.81
C LEU C 22 -26.46 -52.36 -65.44
N GLN C 23 -25.75 -53.49 -65.40
CA GLN C 23 -25.03 -53.92 -64.20
C GLN C 23 -23.95 -52.91 -63.81
N ALA C 24 -23.16 -52.45 -64.79
CA ALA C 24 -22.08 -51.48 -64.56
C ALA C 24 -22.58 -50.10 -64.12
N ALA C 25 -23.63 -49.62 -64.79
CA ALA C 25 -24.28 -48.35 -64.42
C ALA C 25 -24.89 -48.39 -63.01
N LEU C 26 -25.52 -49.50 -62.65
CA LEU C 26 -26.17 -49.64 -61.34
C LEU C 26 -25.14 -49.67 -60.18
N ARG C 27 -24.08 -50.47 -60.34
CA ARG C 27 -23.06 -50.59 -59.28
C ARG C 27 -22.25 -49.31 -59.09
N GLN C 28 -21.95 -48.62 -60.19
CA GLN C 28 -21.27 -47.31 -60.14
C GLN C 28 -22.12 -46.24 -59.48
N THR C 29 -23.41 -46.21 -59.80
CA THR C 29 -24.35 -45.28 -59.18
C THR C 29 -24.58 -45.58 -57.69
N GLU C 30 -24.67 -46.87 -57.35
CA GLU C 30 -24.80 -47.30 -55.96
C GLU C 30 -23.60 -46.88 -55.12
N ALA C 31 -22.40 -47.10 -55.65
CA ALA C 31 -21.15 -46.68 -54.98
C ALA C 31 -21.13 -45.17 -54.72
N ARG C 32 -21.56 -44.40 -55.70
CA ARG C 32 -21.62 -42.92 -55.60
C ARG C 32 -22.65 -42.49 -54.55
N GLU C 33 -23.81 -43.15 -54.55
CA GLU C 33 -24.84 -42.94 -53.51
C GLU C 33 -24.31 -43.17 -52.09
N ILE C 34 -23.58 -44.27 -51.92
CA ILE C 34 -22.98 -44.66 -50.65
C ILE C 34 -21.98 -43.62 -50.17
N GLU C 35 -21.16 -43.09 -51.09
CA GLU C 35 -20.20 -42.04 -50.75
C GLU C 35 -20.88 -40.73 -50.32
N TRP C 36 -21.90 -40.31 -51.07
CA TRP C 36 -22.67 -39.13 -50.70
C TRP C 36 -23.39 -39.31 -49.37
N ARG C 37 -23.92 -40.50 -49.11
CA ARG C 37 -24.58 -40.79 -47.83
C ARG C 37 -23.59 -40.66 -46.66
N GLU C 38 -22.41 -41.27 -46.81
CA GLU C 38 -21.35 -41.19 -45.82
C GLU C 38 -20.88 -39.75 -45.59
N LYS C 39 -20.72 -39.00 -46.68
CA LYS C 39 -20.30 -37.60 -46.58
C LYS C 39 -21.33 -36.76 -45.81
N ALA C 40 -22.61 -36.94 -46.12
CA ALA C 40 -23.71 -36.24 -45.44
C ALA C 40 -23.74 -36.54 -43.92
N GLN C 41 -23.48 -37.79 -43.56
CA GLN C 41 -23.42 -38.21 -42.16
C GLN C 41 -22.23 -37.60 -41.44
N ASP C 42 -21.06 -37.64 -42.07
CA ASP C 42 -19.85 -37.05 -41.51
C ASP C 42 -19.91 -35.51 -41.38
N LEU C 43 -20.50 -34.85 -42.38
CA LEU C 43 -20.73 -33.39 -42.32
C LEU C 43 -21.72 -33.01 -41.21
N ALA C 44 -22.74 -33.84 -41.00
CA ALA C 44 -23.72 -33.60 -39.92
C ALA C 44 -23.07 -33.70 -38.53
N LEU C 45 -22.19 -34.69 -38.38
CA LEU C 45 -21.45 -34.87 -37.14
C LEU C 45 -20.47 -33.71 -36.94
N SER C 46 -19.75 -33.34 -37.98
CA SER C 46 -18.80 -32.23 -37.91
C SER C 46 -19.53 -30.91 -37.59
N LEU C 47 -20.71 -30.71 -38.20
CA LEU C 47 -21.54 -29.52 -37.94
C LEU C 47 -21.95 -29.44 -36.46
N ALA C 48 -22.43 -30.55 -35.90
CA ALA C 48 -22.84 -30.57 -34.48
C ALA C 48 -21.68 -30.20 -33.55
N GLN C 49 -20.50 -30.73 -33.83
CA GLN C 49 -19.28 -30.44 -33.07
C GLN C 49 -18.79 -28.98 -33.19
N THR C 50 -18.83 -28.44 -34.41
CA THR C 50 -18.49 -27.02 -34.63
C THR C 50 -19.49 -26.08 -33.97
N LYS C 51 -20.77 -26.45 -33.98
CA LYS C 51 -21.81 -25.72 -33.25
C LYS C 51 -21.57 -25.66 -31.74
N ALA C 52 -20.99 -26.72 -31.16
CA ALA C 52 -20.61 -26.71 -29.75
C ALA C 52 -19.43 -25.75 -29.50
N SER C 53 -18.45 -25.72 -30.40
CA SER C 53 -17.32 -24.77 -30.28
C SER C 53 -17.78 -23.31 -30.44
N VAL C 54 -18.80 -23.08 -31.28
CA VAL C 54 -19.44 -21.76 -31.40
C VAL C 54 -20.04 -21.32 -30.05
N SER C 55 -20.79 -22.21 -29.41
CA SER C 55 -21.36 -21.90 -28.09
C SER C 55 -20.30 -21.61 -27.03
N SER C 56 -19.27 -22.44 -26.98
CA SER C 56 -18.17 -22.25 -26.03
C SER C 56 -17.42 -20.90 -26.22
N LEU C 57 -17.18 -20.51 -27.47
CA LEU C 57 -16.51 -19.22 -27.75
C LEU C 57 -17.40 -18.04 -27.41
N GLN C 58 -18.71 -18.16 -27.65
CA GLN C 58 -19.71 -17.17 -27.18
C GLN C 58 -19.60 -16.95 -25.67
N GLU C 59 -19.48 -18.05 -24.93
CA GLU C 59 -19.35 -17.98 -23.47
C GLU C 59 -18.01 -17.39 -23.06
N VAL C 60 -16.94 -17.70 -23.81
CA VAL C 60 -15.62 -17.05 -23.58
C VAL C 60 -15.73 -15.54 -23.80
N ALA C 61 -16.35 -15.12 -24.90
CA ALA C 61 -16.60 -13.70 -25.19
C ALA C 61 -17.46 -13.02 -24.10
N MET C 62 -18.51 -13.70 -23.64
CA MET C 62 -19.34 -13.17 -22.54
C MET C 62 -18.50 -12.88 -21.31
N PHE C 63 -17.61 -13.81 -20.98
CA PHE C 63 -16.71 -13.67 -19.85
C PHE C 63 -15.72 -12.52 -20.04
N LEU C 64 -15.16 -12.40 -21.24
CA LEU C 64 -14.19 -11.33 -21.52
C LEU C 64 -14.86 -9.95 -21.48
N GLN C 65 -16.09 -9.84 -21.99
CA GLN C 65 -16.87 -8.58 -21.84
C GLN C 65 -17.20 -8.27 -20.37
N ALA C 66 -17.54 -9.30 -19.57
CA ALA C 66 -17.76 -9.07 -18.13
C ALA C 66 -16.47 -8.60 -17.48
N SER C 67 -15.32 -9.09 -17.98
CA SER C 67 -14.02 -8.65 -17.48
C SER C 67 -13.74 -7.18 -17.86
N VAL C 68 -14.06 -6.78 -19.09
CA VAL C 68 -13.94 -5.37 -19.54
C VAL C 68 -14.78 -4.46 -18.66
N LEU C 69 -16.04 -4.82 -18.45
CA LEU C 69 -16.97 -4.04 -17.60
C LEU C 69 -16.43 -3.87 -16.18
N GLU C 70 -15.99 -4.97 -15.59
CA GLU C 70 -15.36 -4.98 -14.25
C GLU C 70 -14.13 -4.04 -14.17
N ARG C 71 -13.29 -4.04 -15.21
CA ARG C 71 -12.16 -3.11 -15.28
C ARG C 71 -12.62 -1.64 -15.35
N ASP C 72 -13.64 -1.38 -16.17
CA ASP C 72 -14.21 -0.05 -16.29
C ASP C 72 -14.84 0.45 -14.96
N SER C 73 -15.54 -0.43 -14.24
CA SER C 73 -16.09 -0.08 -12.92
C SER C 73 -14.99 0.23 -11.91
N GLU C 74 -13.97 -0.62 -11.89
CA GLU C 74 -12.80 -0.43 -11.02
C GLU C 74 -12.00 0.83 -11.37
N GLN C 75 -11.87 1.14 -12.65
CA GLN C 75 -11.21 2.38 -13.06
C GLN C 75 -11.98 3.58 -12.51
N GLN C 76 -13.30 3.54 -12.63
CA GLN C 76 -14.17 4.59 -12.12
C GLN C 76 -13.97 4.79 -10.61
N ARG C 77 -13.96 3.71 -9.84
CA ARG C 77 -13.77 3.85 -8.38
C ARG C 77 -12.33 4.24 -7.98
N LEU C 78 -11.34 3.71 -8.69
CA LEU C 78 -9.93 4.12 -8.49
C LEU C 78 -9.72 5.60 -8.76
N GLN C 79 -10.29 6.08 -9.88
CA GLN C 79 -10.22 7.51 -10.24
C GLN C 79 -10.87 8.36 -9.14
N ASP C 80 -12.06 7.96 -8.71
CA ASP C 80 -12.80 8.65 -7.66
C ASP C 80 -11.99 8.73 -6.35
N GLU C 81 -11.41 7.60 -5.94
CA GLU C 81 -10.51 7.58 -4.77
C GLU C 81 -9.30 8.51 -4.95
N LEU C 82 -8.71 8.51 -6.14
CA LEU C 82 -7.60 9.41 -6.43
C LEU C 82 -8.02 10.88 -6.27
N GLU C 83 -9.21 11.21 -6.75
CA GLU C 83 -9.75 12.56 -6.63
C GLU C 83 -9.96 12.95 -5.16
N LEU C 84 -10.56 12.06 -4.38
CA LEU C 84 -10.78 12.31 -2.94
C LEU C 84 -9.46 12.49 -2.19
N THR C 85 -8.46 11.69 -2.55
CA THR C 85 -7.13 11.79 -1.96
C THR C 85 -6.43 13.11 -2.33
N ARG C 86 -6.61 13.56 -3.57
CA ARG C 86 -6.09 14.86 -4.02
C ARG C 86 -6.76 16.03 -3.30
N ARG C 87 -8.09 16.02 -3.20
CA ARG C 87 -8.82 17.06 -2.44
C ARG C 87 -8.33 17.11 -0.99
N ALA C 88 -8.17 15.93 -0.38
CA ALA C 88 -7.68 15.82 1.00
C ALA C 88 -6.27 16.39 1.14
N LEU C 89 -5.40 16.08 0.19
CA LEU C 89 -4.02 16.61 0.18
C LEU C 89 -4.02 18.13 0.04
N GLU C 90 -4.84 18.64 -0.88
CA GLU C 90 -5.00 20.08 -1.10
C GLU C 90 -5.51 20.82 0.15
N LYS C 91 -6.50 20.23 0.84
CA LYS C 91 -7.03 20.82 2.07
C LYS C 91 -6.02 20.83 3.23
N GLU C 92 -5.14 19.82 3.30
CA GLU C 92 -4.04 19.80 4.28
C GLU C 92 -3.01 20.90 4.03
N ARG C 93 -2.74 21.19 2.75
CA ARG C 93 -1.84 22.28 2.36
C ARG C 93 -2.42 23.69 2.52
N LEU C 94 -3.74 23.79 2.74
CA LEU C 94 -4.39 25.07 3.10
C LEU C 94 -4.60 25.15 4.61
N HIS C 95 -5.35 24.18 5.15
CA HIS C 95 -5.73 24.17 6.56
C HIS C 95 -4.70 23.45 7.38
N PRO D 13 -36.92 -64.19 -74.56
CA PRO D 13 -38.34 -64.10 -74.23
C PRO D 13 -38.62 -63.39 -72.90
N ARG D 14 -38.16 -63.98 -71.79
CA ARG D 14 -38.30 -63.38 -70.45
C ARG D 14 -37.19 -62.36 -70.12
N LEU D 15 -36.12 -62.33 -70.92
CA LEU D 15 -34.98 -61.44 -70.71
C LEU D 15 -35.29 -59.97 -71.03
N GLN D 16 -36.28 -59.73 -71.88
CA GLN D 16 -36.77 -58.37 -72.16
C GLN D 16 -37.42 -57.72 -70.93
N ARG D 17 -38.07 -58.53 -70.09
CA ARG D 17 -38.75 -58.05 -68.88
C ARG D 17 -37.75 -57.59 -67.81
N GLU D 18 -36.74 -58.42 -67.55
CA GLU D 18 -35.73 -58.14 -66.50
C GLU D 18 -34.84 -56.92 -66.79
N LEU D 19 -34.54 -56.71 -68.08
CA LEU D 19 -33.81 -55.51 -68.54
C LEU D 19 -34.58 -54.21 -68.20
N GLU D 20 -35.90 -54.23 -68.36
CA GLU D 20 -36.77 -53.11 -67.98
C GLU D 20 -36.85 -52.90 -66.46
N ARG D 21 -36.85 -54.01 -65.70
CA ARG D 21 -36.85 -53.95 -64.23
C ARG D 21 -35.59 -53.28 -63.69
N LEU D 22 -34.45 -53.66 -64.26
CA LEU D 22 -33.15 -53.12 -63.84
C LEU D 22 -32.97 -51.65 -64.23
N GLN D 23 -33.54 -51.27 -65.38
CA GLN D 23 -33.64 -49.85 -65.78
C GLN D 23 -34.40 -49.01 -64.74
N ALA D 24 -35.51 -49.56 -64.23
CA ALA D 24 -36.30 -48.89 -63.19
C ALA D 24 -35.60 -48.88 -61.82
N ALA D 25 -34.83 -49.93 -61.54
CA ALA D 25 -33.98 -49.96 -60.33
C ALA D 25 -32.85 -48.94 -60.41
N LEU D 26 -32.30 -48.73 -61.61
CA LEU D 26 -31.28 -47.72 -61.85
C LEU D 26 -31.81 -46.30 -61.69
N ARG D 27 -33.04 -46.05 -62.14
CA ARG D 27 -33.69 -44.73 -61.98
C ARG D 27 -33.93 -44.39 -60.51
N GLN D 28 -34.40 -45.40 -59.76
CA GLN D 28 -34.61 -45.29 -58.30
C GLN D 28 -33.30 -44.94 -57.57
N THR D 29 -32.22 -45.63 -57.92
CA THR D 29 -30.90 -45.39 -57.32
C THR D 29 -30.35 -44.02 -57.72
N GLU D 30 -30.54 -43.65 -58.99
CA GLU D 30 -30.18 -42.32 -59.48
C GLU D 30 -30.89 -41.21 -58.69
N ALA D 31 -32.15 -41.44 -58.36
CA ALA D 31 -32.92 -40.50 -57.54
C ALA D 31 -32.34 -40.39 -56.11
N ARG D 32 -32.03 -41.53 -55.50
CA ARG D 32 -31.42 -41.58 -54.17
C ARG D 32 -30.05 -40.88 -54.10
N GLU D 33 -29.21 -41.13 -55.11
CA GLU D 33 -27.92 -40.46 -55.26
C GLU D 33 -28.05 -38.93 -55.21
N ILE D 34 -29.07 -38.41 -55.89
CA ILE D 34 -29.36 -36.98 -55.93
C ILE D 34 -29.85 -36.45 -54.57
N GLU D 35 -30.71 -37.20 -53.90
CA GLU D 35 -31.17 -36.81 -52.56
C GLU D 35 -29.99 -36.71 -51.56
N TRP D 36 -29.11 -37.70 -51.56
CA TRP D 36 -27.93 -37.69 -50.68
C TRP D 36 -26.93 -36.63 -51.06
N ARG D 37 -26.69 -36.44 -52.36
CA ARG D 37 -25.78 -35.38 -52.83
C ARG D 37 -26.26 -33.99 -52.37
N GLU D 38 -27.54 -33.72 -52.58
CA GLU D 38 -28.13 -32.42 -52.21
C GLU D 38 -28.12 -32.18 -50.70
N LYS D 39 -28.45 -33.22 -49.94
CA LYS D 39 -28.36 -33.20 -48.47
C LYS D 39 -26.93 -32.89 -48.00
N ALA D 40 -25.97 -33.59 -48.61
CA ALA D 40 -24.55 -33.34 -48.35
C ALA D 40 -24.11 -31.91 -48.73
N GLN D 41 -24.56 -31.42 -49.87
CA GLN D 41 -24.21 -30.06 -50.33
C GLN D 41 -24.78 -28.96 -49.44
N ASP D 42 -26.00 -29.16 -48.94
CA ASP D 42 -26.62 -28.26 -47.97
C ASP D 42 -25.89 -28.25 -46.62
N LEU D 43 -25.55 -29.44 -46.12
CA LEU D 43 -24.78 -29.56 -44.88
C LEU D 43 -23.39 -28.93 -44.99
N ALA D 44 -22.78 -29.04 -46.17
CA ALA D 44 -21.48 -28.45 -46.45
C ALA D 44 -21.50 -26.92 -46.38
N LEU D 45 -22.59 -26.30 -46.84
CA LEU D 45 -22.78 -24.85 -46.74
C LEU D 45 -23.02 -24.40 -45.29
N SER D 46 -23.80 -25.16 -44.52
CA SER D 46 -24.01 -24.87 -43.10
C SER D 46 -22.71 -24.92 -42.32
N LEU D 47 -21.90 -25.95 -42.60
CA LEU D 47 -20.61 -26.14 -41.94
C LEU D 47 -19.64 -24.99 -42.23
N ALA D 48 -19.54 -24.61 -43.50
CA ALA D 48 -18.64 -23.51 -43.90
C ALA D 48 -19.06 -22.20 -43.20
N GLN D 49 -20.36 -21.94 -43.14
CA GLN D 49 -20.89 -20.77 -42.43
C GLN D 49 -20.67 -20.88 -40.92
N THR D 50 -20.82 -22.09 -40.36
CA THR D 50 -20.56 -22.30 -38.92
C THR D 50 -19.05 -22.18 -38.60
N LYS D 51 -18.19 -22.71 -39.47
CA LYS D 51 -16.74 -22.50 -39.36
C LYS D 51 -16.36 -21.01 -39.44
N ALA D 52 -17.00 -20.28 -40.35
CA ALA D 52 -16.78 -18.81 -40.46
C ALA D 52 -17.15 -18.12 -39.14
N SER D 53 -18.29 -18.52 -38.58
CA SER D 53 -18.76 -18.04 -37.27
C SER D 53 -17.75 -18.24 -36.14
N VAL D 54 -17.10 -19.40 -36.12
CA VAL D 54 -16.02 -19.69 -35.14
C VAL D 54 -14.85 -18.72 -35.28
N SER D 55 -14.38 -18.54 -36.51
CA SER D 55 -13.31 -17.58 -36.79
C SER D 55 -13.69 -16.17 -36.35
N SER D 56 -14.91 -15.75 -36.65
CA SER D 56 -15.38 -14.42 -36.24
C SER D 56 -15.50 -14.25 -34.72
N LEU D 57 -15.95 -15.29 -34.01
CA LEU D 57 -16.02 -15.22 -32.54
C LEU D 57 -14.64 -15.21 -31.90
N GLN D 58 -13.71 -15.97 -32.47
CA GLN D 58 -12.29 -15.95 -32.06
C GLN D 58 -11.72 -14.52 -32.15
N GLU D 59 -11.91 -13.88 -33.30
CA GLU D 59 -11.43 -12.50 -33.49
C GLU D 59 -12.12 -11.50 -32.57
N VAL D 60 -13.42 -11.68 -32.31
CA VAL D 60 -14.12 -10.91 -31.28
C VAL D 60 -13.47 -11.10 -29.91
N ALA D 61 -13.15 -12.34 -29.55
CA ALA D 61 -12.45 -12.63 -28.28
C ALA D 61 -11.06 -11.99 -28.23
N MET D 62 -10.33 -12.05 -29.35
CA MET D 62 -9.03 -11.39 -29.44
C MET D 62 -9.13 -9.88 -29.17
N PHE D 63 -10.16 -9.24 -29.71
CA PHE D 63 -10.46 -7.80 -29.45
C PHE D 63 -10.81 -7.54 -28.00
N LEU D 64 -11.66 -8.39 -27.42
CA LEU D 64 -12.07 -8.20 -26.02
C LEU D 64 -10.89 -8.34 -25.09
N GLN D 65 -9.98 -9.29 -25.39
CA GLN D 65 -8.74 -9.43 -24.61
C GLN D 65 -7.78 -8.26 -24.79
N ALA D 66 -7.67 -7.72 -26.01
CA ALA D 66 -6.88 -6.50 -26.21
C ALA D 66 -7.47 -5.35 -25.39
N SER D 67 -8.80 -5.29 -25.30
CA SER D 67 -9.49 -4.31 -24.46
C SER D 67 -9.19 -4.49 -22.96
N VAL D 68 -9.21 -5.74 -22.48
CA VAL D 68 -8.84 -6.02 -21.08
C VAL D 68 -7.42 -5.57 -20.79
N LEU D 69 -6.50 -5.85 -21.73
CA LEU D 69 -5.10 -5.46 -21.59
C LEU D 69 -4.94 -3.93 -21.50
N GLU D 70 -5.59 -3.22 -22.42
CA GLU D 70 -5.62 -1.75 -22.43
C GLU D 70 -6.16 -1.18 -21.11
N ARG D 71 -7.23 -1.78 -20.58
CA ARG D 71 -7.74 -1.39 -19.27
C ARG D 71 -6.74 -1.65 -18.14
N ASP D 72 -6.10 -2.82 -18.16
CA ASP D 72 -5.13 -3.17 -17.11
C ASP D 72 -3.89 -2.29 -17.15
N SER D 73 -3.46 -1.89 -18.36
CA SER D 73 -2.35 -0.95 -18.52
C SER D 73 -2.67 0.39 -17.87
N GLU D 74 -3.86 0.90 -18.17
CA GLU D 74 -4.39 2.09 -17.52
C GLU D 74 -4.61 1.92 -16.01
N GLN D 75 -5.07 0.74 -15.59
CA GLN D 75 -5.25 0.46 -14.16
C GLN D 75 -3.90 0.52 -13.45
N GLN D 76 -2.87 -0.05 -14.08
CA GLN D 76 -1.48 0.00 -13.54
C GLN D 76 -1.02 1.42 -13.25
N ARG D 77 -1.21 2.34 -14.21
CA ARG D 77 -0.79 3.73 -13.98
C ARG D 77 -1.61 4.43 -12.87
N LEU D 78 -2.91 4.13 -12.79
CA LEU D 78 -3.77 4.70 -11.75
C LEU D 78 -3.44 4.19 -10.35
N GLN D 79 -3.12 2.90 -10.25
CA GLN D 79 -2.70 2.30 -8.97
C GLN D 79 -1.38 2.92 -8.47
N ASP D 80 -0.43 3.14 -9.38
CA ASP D 80 0.83 3.83 -9.04
C ASP D 80 0.58 5.26 -8.57
N GLU D 81 -0.22 6.01 -9.32
CA GLU D 81 -0.48 7.41 -8.97
C GLU D 81 -1.27 7.55 -7.66
N LEU D 82 -2.20 6.65 -7.42
CA LEU D 82 -2.96 6.63 -6.16
C LEU D 82 -2.03 6.32 -4.98
N GLU D 83 -1.15 5.33 -5.15
CA GLU D 83 -0.19 4.95 -4.11
C GLU D 83 0.71 6.12 -3.71
N LEU D 84 1.28 6.81 -4.69
CA LEU D 84 2.14 7.98 -4.45
C LEU D 84 1.38 9.14 -3.80
N THR D 85 0.17 9.42 -4.29
CA THR D 85 -0.67 10.48 -3.74
C THR D 85 -1.09 10.18 -2.29
N ARG D 86 -1.39 8.92 -1.99
CA ARG D 86 -1.66 8.49 -0.59
C ARG D 86 -0.43 8.68 0.30
N ARG D 87 0.74 8.34 -0.23
CA ARG D 87 2.01 8.50 0.50
C ARG D 87 2.27 9.96 0.83
N ALA D 88 2.14 10.83 -0.17
CA ALA D 88 2.26 12.28 0.02
C ALA D 88 1.29 12.87 1.05
N LEU D 89 0.05 12.35 1.08
CA LEU D 89 -0.96 12.77 2.07
C LEU D 89 -0.57 12.37 3.49
N GLU D 90 -0.03 11.17 3.67
CA GLU D 90 0.48 10.72 4.97
C GLU D 90 1.69 11.54 5.44
N LYS D 91 2.60 11.87 4.52
CA LYS D 91 3.76 12.72 4.82
C LYS D 91 3.34 14.12 5.29
N GLU D 92 2.31 14.68 4.65
CA GLU D 92 1.77 15.99 5.01
C GLU D 92 1.05 15.98 6.36
N ARG D 93 0.31 14.90 6.64
CA ARG D 93 -0.40 14.75 7.92
C ARG D 93 0.51 14.59 9.15
N LEU D 94 1.75 14.11 8.95
CA LEU D 94 2.77 14.09 10.01
C LEU D 94 3.25 15.51 10.29
N HIS D 95 3.78 16.16 9.26
CA HIS D 95 4.27 17.53 9.35
C HIS D 95 3.13 18.50 9.27
N GLY E 2 19.39 -12.25 34.73
CA GLY E 2 20.09 -11.15 34.02
C GLY E 2 19.43 -10.77 32.71
N VAL E 3 20.01 -11.23 31.60
CA VAL E 3 19.44 -11.02 30.25
C VAL E 3 19.44 -12.35 29.49
N GLN E 4 18.27 -12.72 28.94
CA GLN E 4 18.09 -13.95 28.16
C GLN E 4 17.99 -13.56 26.68
N VAL E 5 18.64 -14.36 25.81
CA VAL E 5 18.76 -14.07 24.38
C VAL E 5 18.07 -15.14 23.53
N GLU E 6 17.19 -14.71 22.63
CA GLU E 6 16.45 -15.59 21.73
C GLU E 6 16.48 -15.03 20.32
N THR E 7 16.66 -15.90 19.34
CA THR E 7 16.81 -15.48 17.94
C THR E 7 15.46 -15.30 17.25
N ILE E 8 15.26 -14.14 16.64
CA ILE E 8 14.10 -13.86 15.79
C ILE E 8 14.49 -14.20 14.34
N SER E 9 15.56 -13.56 13.86
CA SER E 9 16.14 -13.80 12.54
C SER E 9 17.64 -14.03 12.69
N PRO E 10 18.22 -14.96 11.90
CA PRO E 10 19.65 -15.25 12.06
C PRO E 10 20.54 -14.19 11.39
N GLY E 11 21.72 -13.97 11.97
CA GLY E 11 22.77 -13.15 11.34
C GLY E 11 23.74 -14.04 10.58
N ASP E 12 24.89 -13.48 10.21
CA ASP E 12 25.96 -14.25 9.54
C ASP E 12 26.58 -15.32 10.45
N GLY E 13 26.46 -15.13 11.76
CA GLY E 13 26.85 -16.14 12.75
C GLY E 13 28.33 -16.16 13.07
N ARG E 14 29.02 -15.05 12.86
CA ARG E 14 30.48 -14.97 13.05
C ARG E 14 31.08 -13.57 13.25
N THR E 15 30.47 -12.54 12.66
CA THR E 15 30.87 -11.14 12.88
C THR E 15 30.20 -10.58 14.15
N PHE E 16 30.85 -10.79 15.30
CA PHE E 16 30.36 -10.30 16.60
C PHE E 16 31.05 -8.99 17.00
N PRO E 17 30.33 -8.09 17.70
CA PRO E 17 30.92 -6.82 18.10
C PRO E 17 31.96 -6.97 19.21
N LYS E 18 33.12 -6.36 19.02
CA LYS E 18 34.18 -6.33 20.02
C LYS E 18 34.05 -5.08 20.87
N ARG E 19 34.64 -5.10 22.06
CA ARG E 19 34.65 -3.94 22.96
C ARG E 19 35.38 -2.81 22.25
N GLY E 20 34.74 -1.65 22.18
CA GLY E 20 35.27 -0.50 21.44
C GLY E 20 34.68 -0.25 20.07
N GLN E 21 33.88 -1.19 19.55
CA GLN E 21 33.18 -1.03 18.26
C GLN E 21 31.81 -0.35 18.45
N THR E 22 31.44 0.48 17.48
CA THR E 22 30.12 1.14 17.45
C THR E 22 29.08 0.19 16.84
N CYS E 23 28.12 -0.24 17.66
CA CYS E 23 26.99 -1.06 17.19
C CYS E 23 25.90 -0.14 16.66
N VAL E 24 25.53 -0.32 15.38
CA VAL E 24 24.41 0.41 14.77
C VAL E 24 23.20 -0.53 14.73
N VAL E 25 22.08 -0.07 15.30
CA VAL E 25 20.89 -0.92 15.50
C VAL E 25 19.56 -0.19 15.28
N HIS E 26 18.51 -0.98 15.06
CA HIS E 26 17.12 -0.55 15.26
C HIS E 26 16.57 -1.33 16.43
N TYR E 27 15.82 -0.64 17.29
CA TYR E 27 15.23 -1.27 18.47
C TYR E 27 13.77 -0.85 18.70
N THR E 28 13.01 -1.75 19.31
CA THR E 28 11.72 -1.42 19.94
C THR E 28 11.74 -1.93 21.38
N GLY E 29 11.42 -1.05 22.33
CA GLY E 29 11.41 -1.40 23.76
C GLY E 29 9.99 -1.55 24.27
N MET E 30 9.71 -2.69 24.92
CA MET E 30 8.38 -3.00 25.45
C MET E 30 8.46 -3.47 26.90
N LEU E 31 7.34 -3.36 27.61
CA LEU E 31 7.16 -4.02 28.90
C LEU E 31 6.82 -5.50 28.65
N GLU E 32 6.84 -6.31 29.71
CA GLU E 32 6.70 -7.78 29.59
C GLU E 32 5.39 -8.26 28.95
N ASP E 33 4.32 -7.47 29.07
CA ASP E 33 3.04 -7.78 28.43
C ASP E 33 3.06 -7.55 26.91
N GLY E 34 3.73 -6.48 26.48
CA GLY E 34 3.76 -6.07 25.07
C GLY E 34 3.74 -4.58 24.81
N LYS E 35 3.28 -3.78 25.77
CA LYS E 35 3.14 -2.32 25.60
C LYS E 35 4.48 -1.63 25.40
N LYS E 36 4.64 -0.95 24.26
CA LYS E 36 5.90 -0.29 23.89
C LYS E 36 6.04 1.09 24.56
N PHE E 37 7.27 1.44 24.93
CA PHE E 37 7.60 2.77 25.46
C PHE E 37 8.51 3.60 24.54
N ASP E 38 9.21 2.95 23.60
CA ASP E 38 10.14 3.63 22.71
C ASP E 38 10.48 2.77 21.49
N SER E 39 10.84 3.42 20.38
CA SER E 39 11.32 2.72 19.18
C SER E 39 12.10 3.63 18.24
N SER E 40 13.26 3.17 17.80
CA SER E 40 14.07 3.85 16.78
C SER E 40 13.41 3.82 15.39
N ARG E 41 12.77 2.69 15.07
N ARG E 41 12.76 2.69 15.07
CA ARG E 41 12.01 2.50 13.83
CA ARG E 41 12.01 2.52 13.82
C ARG E 41 10.90 3.55 13.62
C ARG E 41 10.91 3.57 13.63
N ASP E 42 10.22 3.92 14.71
CA ASP E 42 9.18 4.97 14.68
C ASP E 42 9.74 6.36 14.37
N ARG E 43 10.96 6.64 14.86
CA ARG E 43 11.68 7.89 14.54
C ARG E 43 12.36 7.88 13.16
N ASN E 44 12.50 6.70 12.55
CA ASN E 44 13.21 6.51 11.27
C ASN E 44 14.70 6.92 11.33
N LYS E 45 15.30 6.72 12.51
CA LYS E 45 16.70 7.08 12.78
C LYS E 45 17.34 5.97 13.63
N PRO E 46 18.23 5.14 13.03
CA PRO E 46 18.87 4.07 13.81
C PRO E 46 19.71 4.58 14.99
N PHE E 47 19.81 3.74 16.03
CA PHE E 47 20.49 4.09 17.28
C PHE E 47 21.90 3.52 17.32
N LYS E 48 22.84 4.34 17.82
CA LYS E 48 24.27 4.01 17.84
C LYS E 48 24.86 4.13 19.25
N PHE E 49 25.64 3.13 19.65
CA PHE E 49 26.38 3.15 20.90
C PHE E 49 27.66 2.31 20.77
N MET E 50 28.66 2.59 21.62
CA MET E 50 29.94 1.88 21.63
C MET E 50 29.93 0.81 22.72
N LEU E 51 30.23 -0.44 22.35
CA LEU E 51 30.22 -1.57 23.28
C LEU E 51 31.37 -1.49 24.29
N GLY E 52 31.08 -1.83 25.54
CA GLY E 52 32.07 -1.82 26.62
C GLY E 52 32.47 -0.46 27.17
N LYS E 53 31.63 0.55 26.96
CA LYS E 53 31.86 1.91 27.49
C LYS E 53 30.78 2.39 28.49
N GLN E 54 29.90 1.48 28.90
CA GLN E 54 28.78 1.80 29.83
C GLN E 54 27.90 2.97 29.37
N GLU E 55 27.64 3.03 28.06
CA GLU E 55 26.72 4.01 27.47
C GLU E 55 25.26 3.55 27.54
N VAL E 56 25.05 2.24 27.70
CA VAL E 56 23.72 1.64 27.73
C VAL E 56 23.60 0.69 28.91
N ILE E 57 22.36 0.27 29.21
CA ILE E 57 22.10 -0.64 30.34
C ILE E 57 22.83 -1.99 30.19
N ARG E 58 22.96 -2.69 31.32
CA ARG E 58 23.74 -3.92 31.38
C ARG E 58 23.16 -5.06 30.52
N GLY E 59 21.85 -5.07 30.34
CA GLY E 59 21.18 -6.03 29.46
C GLY E 59 21.67 -5.98 28.03
N TRP E 60 21.79 -4.75 27.50
CA TRP E 60 22.35 -4.51 26.16
C TRP E 60 23.81 -4.85 26.02
N GLU E 61 24.61 -4.56 27.04
CA GLU E 61 26.05 -4.82 27.01
C GLU E 61 26.34 -6.31 26.84
N GLU E 62 25.70 -7.13 27.68
CA GLU E 62 25.79 -8.58 27.58
C GLU E 62 25.02 -9.14 26.38
N GLY E 63 23.83 -8.59 26.13
CA GLY E 63 22.92 -9.12 25.12
C GLY E 63 23.37 -8.93 23.68
N VAL E 64 23.65 -7.67 23.32
CA VAL E 64 24.07 -7.31 21.96
C VAL E 64 25.47 -7.86 21.62
N ALA E 65 26.29 -8.06 22.64
CA ALA E 65 27.59 -8.73 22.49
C ALA E 65 27.48 -10.15 21.93
N GLN E 66 26.40 -10.85 22.30
CA GLN E 66 26.11 -12.20 21.81
C GLN E 66 25.47 -12.26 20.41
N MET E 67 25.15 -11.11 19.83
CA MET E 67 24.52 -11.04 18.50
C MET E 67 25.57 -10.87 17.40
N SER E 68 25.41 -11.61 16.31
CA SER E 68 26.19 -11.40 15.08
C SER E 68 25.49 -10.37 14.20
N VAL E 69 26.23 -9.87 13.19
CA VAL E 69 25.71 -8.81 12.30
C VAL E 69 24.61 -9.36 11.39
N GLY E 70 23.52 -8.59 11.26
CA GLY E 70 22.32 -9.05 10.54
C GLY E 70 21.35 -9.86 11.37
N GLN E 71 21.69 -10.18 12.62
CA GLN E 71 20.82 -10.94 13.52
C GLN E 71 19.77 -10.02 14.14
N ARG E 72 18.54 -10.55 14.25
CA ARG E 72 17.48 -9.91 15.03
C ARG E 72 17.18 -10.83 16.20
N ALA E 73 17.03 -10.25 17.39
CA ALA E 73 16.83 -11.05 18.61
C ALA E 73 15.93 -10.41 19.66
N LYS E 74 15.37 -11.26 20.52
CA LYS E 74 14.54 -10.85 21.64
C LYS E 74 15.40 -10.88 22.92
N LEU E 75 15.69 -9.70 23.44
CA LEU E 75 16.39 -9.53 24.72
C LEU E 75 15.37 -9.33 25.83
N THR E 76 15.25 -10.32 26.72
CA THR E 76 14.40 -10.21 27.90
C THR E 76 15.30 -9.90 29.10
N ILE E 77 15.22 -8.65 29.57
CA ILE E 77 16.15 -8.11 30.57
C ILE E 77 15.47 -8.00 31.93
N SER E 78 16.02 -8.70 32.93
CA SER E 78 15.53 -8.60 34.32
C SER E 78 15.81 -7.19 34.90
N PRO E 79 15.11 -6.80 35.99
CA PRO E 79 15.25 -5.42 36.51
C PRO E 79 16.64 -5.05 37.04
N ASP E 80 17.36 -6.00 37.60
CA ASP E 80 18.77 -5.78 38.03
C ASP E 80 19.70 -5.39 36.88
N TYR E 81 19.35 -5.80 35.65
CA TYR E 81 20.15 -5.51 34.44
C TYR E 81 19.60 -4.34 33.61
N ALA E 82 18.48 -3.76 34.03
CA ALA E 82 17.92 -2.55 33.42
C ALA E 82 17.83 -1.42 34.45
N TYR E 83 16.66 -1.23 35.08
CA TYR E 83 16.37 -0.02 35.87
C TYR E 83 15.93 -0.25 37.33
N GLY E 84 15.99 -1.50 37.81
CA GLY E 84 15.96 -1.79 39.24
C GLY E 84 14.69 -1.45 39.98
N ALA E 85 14.83 -1.12 41.26
CA ALA E 85 13.69 -0.80 42.14
C ALA E 85 13.17 0.64 41.98
N THR E 86 13.81 1.44 41.12
CA THR E 86 13.47 2.84 40.92
C THR E 86 12.67 3.06 39.64
N GLY E 87 13.18 2.54 38.53
CA GLY E 87 12.59 2.77 37.22
C GLY E 87 12.67 4.21 36.79
N HIS E 88 11.74 4.62 35.93
CA HIS E 88 11.64 6.00 35.47
C HIS E 88 10.19 6.40 35.45
N PRO E 89 9.74 7.20 36.45
CA PRO E 89 8.34 7.62 36.54
C PRO E 89 7.74 8.17 35.24
N GLY E 90 6.59 7.61 34.85
CA GLY E 90 5.91 7.95 33.60
C GLY E 90 6.25 7.06 32.42
N ILE E 91 7.33 6.26 32.54
CA ILE E 91 7.90 5.49 31.42
C ILE E 91 8.10 4.02 31.78
N ILE E 92 8.92 3.76 32.80
CA ILE E 92 9.24 2.40 33.22
C ILE E 92 8.93 2.22 34.70
N PRO E 93 8.01 1.28 35.04
CA PRO E 93 7.70 1.08 36.45
C PRO E 93 8.83 0.36 37.18
N PRO E 94 8.82 0.39 38.53
CA PRO E 94 9.91 -0.25 39.27
C PRO E 94 9.84 -1.78 39.24
N HIS E 95 11.00 -2.42 39.35
CA HIS E 95 11.16 -3.88 39.23
C HIS E 95 10.63 -4.46 37.92
N ALA E 96 10.63 -3.65 36.86
CA ALA E 96 10.00 -4.00 35.59
C ALA E 96 10.94 -4.84 34.72
N THR E 97 10.55 -6.07 34.42
CA THR E 97 11.25 -6.89 33.42
C THR E 97 10.95 -6.29 32.04
N LEU E 98 11.99 -5.96 31.30
CA LEU E 98 11.87 -5.31 29.99
C LEU E 98 12.16 -6.29 28.86
N VAL E 99 11.49 -6.10 27.72
CA VAL E 99 11.73 -6.88 26.51
C VAL E 99 12.09 -5.91 25.38
N PHE E 100 13.24 -6.12 24.77
CA PHE E 100 13.70 -5.30 23.64
C PHE E 100 13.75 -6.13 22.36
N ASP E 101 13.25 -5.55 21.26
CA ASP E 101 13.36 -6.14 19.93
C ASP E 101 14.53 -5.47 19.22
N VAL E 102 15.66 -6.16 19.15
CA VAL E 102 16.92 -5.58 18.67
C VAL E 102 17.37 -6.23 17.36
N GLU E 103 17.67 -5.39 16.36
CA GLU E 103 18.28 -5.82 15.10
C GLU E 103 19.65 -5.16 14.97
N LEU E 104 20.70 -5.97 14.93
CA LEU E 104 22.06 -5.47 14.70
C LEU E 104 22.26 -5.21 13.19
N LEU E 105 22.17 -3.95 12.80
CA LEU E 105 22.28 -3.56 11.39
C LEU E 105 23.71 -3.68 10.89
N LYS E 106 24.63 -3.00 11.57
CA LYS E 106 26.06 -3.04 11.21
C LYS E 106 26.98 -2.60 12.36
N LEU E 107 28.28 -2.76 12.13
CA LEU E 107 29.33 -2.28 13.03
C LEU E 107 30.19 -1.23 12.33
N GLU E 108 30.59 -0.19 13.06
CA GLU E 108 31.47 0.85 12.54
C GLU E 108 32.44 1.37 13.62
N GLY F 2 23.87 39.01 19.11
CA GLY F 2 24.84 39.15 20.25
C GLY F 2 24.33 38.54 21.54
N VAL F 3 25.08 38.78 22.63
CA VAL F 3 24.71 38.31 23.97
C VAL F 3 25.23 39.26 25.05
N GLN F 4 24.40 40.24 25.42
CA GLN F 4 24.76 41.25 26.43
C GLN F 4 24.64 40.69 27.84
N VAL F 5 25.58 41.06 28.71
CA VAL F 5 25.63 40.59 30.09
C VAL F 5 25.45 41.78 31.04
N GLU F 6 24.52 41.65 31.99
CA GLU F 6 24.25 42.70 32.99
C GLU F 6 24.43 42.12 34.41
N THR F 7 25.23 42.79 35.22
CA THR F 7 25.58 42.31 36.56
C THR F 7 24.43 42.52 37.55
N ILE F 8 24.05 41.45 38.24
CA ILE F 8 23.03 41.50 39.31
C ILE F 8 23.74 41.63 40.66
N SER F 9 24.74 40.77 40.88
CA SER F 9 25.67 40.88 42.00
C SER F 9 27.11 40.71 41.49
N PRO F 10 28.09 41.33 42.20
CA PRO F 10 29.47 41.28 41.72
C PRO F 10 30.22 40.02 42.17
N GLY F 11 31.18 39.59 41.36
CA GLY F 11 32.12 38.53 41.74
C GLY F 11 33.40 39.12 42.31
N ASP F 12 34.48 38.32 42.33
CA ASP F 12 35.79 38.82 42.76
C ASP F 12 36.47 39.75 41.72
N GLY F 13 36.03 39.64 40.45
CA GLY F 13 36.50 40.53 39.38
C GLY F 13 37.93 40.26 38.94
N ARG F 14 38.28 38.98 38.84
CA ARG F 14 39.65 38.56 38.54
C ARG F 14 39.76 37.07 38.16
N THR F 15 39.14 36.20 38.96
CA THR F 15 39.12 34.76 38.68
C THR F 15 38.10 34.44 37.58
N PHE F 16 38.54 34.58 36.32
CA PHE F 16 37.74 34.20 35.16
C PHE F 16 37.98 32.72 34.84
N PRO F 17 36.99 32.04 34.22
CA PRO F 17 37.17 30.64 33.85
C PRO F 17 38.00 30.48 32.58
N LYS F 18 38.98 29.58 32.62
CA LYS F 18 39.82 29.29 31.45
C LYS F 18 39.09 28.39 30.45
N ARG F 19 39.47 28.50 29.18
CA ARG F 19 38.90 27.71 28.10
C ARG F 19 39.33 26.24 28.24
N GLY F 20 38.60 25.52 29.09
CA GLY F 20 38.99 24.16 29.52
C GLY F 20 38.69 23.77 30.97
N GLN F 21 38.24 24.71 31.79
CA GLN F 21 37.82 24.44 33.18
C GLN F 21 36.32 24.15 33.31
N THR F 22 35.96 23.45 34.38
CA THR F 22 34.57 23.08 34.67
C THR F 22 33.87 24.16 35.49
N CYS F 23 32.91 24.85 34.87
CA CYS F 23 32.10 25.86 35.55
C CYS F 23 30.95 25.20 36.34
N VAL F 24 30.89 25.46 37.64
CA VAL F 24 29.80 25.02 38.50
C VAL F 24 28.85 26.21 38.68
N VAL F 25 27.60 26.05 38.24
CA VAL F 25 26.65 27.16 38.20
C VAL F 25 25.27 26.81 38.78
N HIS F 26 24.53 27.86 39.12
CA HIS F 26 23.08 27.80 39.26
C HIS F 26 22.50 28.72 38.23
N TYR F 27 21.44 28.28 37.55
CA TYR F 27 20.76 29.10 36.54
C TYR F 27 19.24 29.06 36.71
N THR F 28 18.59 30.12 36.23
CA THR F 28 17.14 30.16 36.04
C THR F 28 16.86 30.73 34.65
N GLY F 29 16.44 29.87 33.73
CA GLY F 29 16.18 30.25 32.35
C GLY F 29 14.78 30.79 32.16
N MET F 30 14.67 32.00 31.62
CA MET F 30 13.40 32.69 31.45
C MET F 30 13.25 33.23 30.03
N LEU F 31 12.00 33.37 29.58
CA LEU F 31 11.69 33.94 28.27
C LEU F 31 11.69 35.47 28.31
N GLU F 32 11.52 36.07 27.13
CA GLU F 32 11.51 37.53 26.94
C GLU F 32 10.51 38.24 27.87
N ASP F 33 9.33 37.67 28.04
CA ASP F 33 8.33 38.18 29.01
C ASP F 33 8.71 37.85 30.46
N GLY F 34 9.36 36.70 30.67
CA GLY F 34 9.92 36.30 31.97
C GLY F 34 9.41 35.00 32.58
N LYS F 35 8.67 34.20 31.81
CA LYS F 35 8.16 32.90 32.29
C LYS F 35 9.29 31.89 32.41
N LYS F 36 9.40 31.25 33.58
CA LYS F 36 10.47 30.31 33.88
C LYS F 36 10.25 28.96 33.18
N PHE F 37 11.17 28.58 32.29
CA PHE F 37 11.12 27.27 31.60
C PHE F 37 12.02 26.18 32.23
N ASP F 38 13.05 26.59 32.97
CA ASP F 38 13.94 25.63 33.66
C ASP F 38 14.71 26.30 34.81
N SER F 39 15.11 25.51 35.80
CA SER F 39 15.94 26.00 36.90
C SER F 39 16.69 24.90 37.64
N SER F 40 18.00 25.11 37.82
CA SER F 40 18.83 24.26 38.68
C SER F 40 18.52 24.46 40.17
N ARG F 41 18.07 25.67 40.53
CA ARG F 41 17.70 25.99 41.92
C ARG F 41 16.48 25.22 42.41
N ASP F 42 15.48 25.05 41.54
CA ASP F 42 14.29 24.23 41.84
C ASP F 42 14.64 22.74 42.01
N ARG F 43 15.76 22.34 41.41
CA ARG F 43 16.27 20.97 41.47
C ARG F 43 17.07 20.68 42.75
N ASN F 44 17.49 21.72 43.46
CA ASN F 44 18.46 21.62 44.57
C ASN F 44 19.76 20.92 44.15
N LYS F 45 20.24 21.27 42.96
CA LYS F 45 21.39 20.60 42.33
C LYS F 45 22.07 21.55 41.35
N PRO F 46 23.27 22.08 41.69
CA PRO F 46 23.98 22.94 40.74
C PRO F 46 24.40 22.24 39.45
N PHE F 47 24.55 23.03 38.38
CA PHE F 47 24.83 22.52 37.05
C PHE F 47 26.32 22.65 36.73
N LYS F 48 26.90 21.59 36.16
CA LYS F 48 28.32 21.54 35.80
C LYS F 48 28.51 21.42 34.29
N PHE F 49 29.44 22.22 33.75
CA PHE F 49 29.82 22.11 32.33
C PHE F 49 31.23 22.69 32.10
N MET F 50 31.87 22.23 31.02
CA MET F 50 33.23 22.64 30.65
C MET F 50 33.18 23.69 29.53
N LEU F 51 33.89 24.79 29.70
CA LEU F 51 33.99 25.84 28.66
C LEU F 51 34.87 25.42 27.50
N GLY F 52 34.57 25.96 26.31
CA GLY F 52 35.37 25.74 25.11
C GLY F 52 34.99 24.57 24.23
N LYS F 53 34.34 23.54 24.79
CA LYS F 53 34.09 22.28 24.09
C LYS F 53 32.66 22.14 23.52
N GLN F 54 31.96 23.26 23.35
CA GLN F 54 30.61 23.29 22.77
C GLN F 54 29.60 22.34 23.46
N GLU F 55 29.65 22.31 24.79
CA GLU F 55 28.69 21.55 25.60
C GLU F 55 27.35 22.30 25.74
N VAL F 56 27.38 23.62 25.59
CA VAL F 56 26.21 24.49 25.76
C VAL F 56 26.05 25.42 24.57
N ILE F 57 24.98 26.21 24.57
CA ILE F 57 24.72 27.16 23.48
C ILE F 57 25.74 28.30 23.41
N ARG F 58 25.82 28.95 22.25
CA ARG F 58 26.82 29.98 21.98
C ARG F 58 26.74 31.21 22.90
N GLY F 59 25.51 31.56 23.30
CA GLY F 59 25.28 32.62 24.29
C GLY F 59 25.87 32.34 25.67
N TRP F 60 25.88 31.07 26.08
CA TRP F 60 26.50 30.64 27.34
C TRP F 60 28.01 30.65 27.29
N GLU F 61 28.57 30.15 26.18
CA GLU F 61 30.02 30.10 26.00
C GLU F 61 30.64 31.50 26.09
N GLU F 62 30.16 32.41 25.26
CA GLU F 62 30.65 33.79 25.22
C GLU F 62 30.20 34.62 26.44
N GLY F 63 29.03 34.28 26.99
CA GLY F 63 28.48 35.00 28.15
C GLY F 63 29.12 34.66 29.48
N VAL F 64 29.24 33.36 29.76
CA VAL F 64 29.81 32.87 31.04
C VAL F 64 31.33 33.09 31.10
N ALA F 65 32.01 33.06 29.94
CA ALA F 65 33.44 33.36 29.85
C ALA F 65 33.80 34.77 30.38
N GLN F 66 32.91 35.74 30.15
CA GLN F 66 33.06 37.09 30.70
C GLN F 66 32.92 37.17 32.21
N MET F 67 32.12 36.28 32.80
CA MET F 67 31.81 36.31 34.23
C MET F 67 32.98 35.82 35.09
N SER F 68 33.04 36.33 36.33
CA SER F 68 34.02 35.90 37.34
C SER F 68 33.33 35.04 38.41
N VAL F 69 34.16 34.39 39.23
CA VAL F 69 33.66 33.50 40.29
C VAL F 69 32.93 34.32 41.37
N GLY F 70 31.72 33.87 41.72
CA GLY F 70 30.86 34.57 42.67
C GLY F 70 29.87 35.55 42.06
N GLN F 71 30.07 35.91 40.78
CA GLN F 71 29.24 36.90 40.09
C GLN F 71 27.90 36.29 39.66
N ARG F 72 26.81 36.96 40.01
CA ARG F 72 25.47 36.64 39.50
C ARG F 72 25.10 37.70 38.45
N ALA F 73 24.69 37.25 37.27
CA ALA F 73 24.48 38.13 36.12
C ALA F 73 23.32 37.68 35.23
N LYS F 74 22.64 38.65 34.63
CA LYS F 74 21.54 38.41 33.70
C LYS F 74 22.11 38.34 32.28
N LEU F 75 21.93 37.18 31.62
CA LEU F 75 22.43 36.95 30.26
C LEU F 75 21.29 36.99 29.25
N THR F 76 21.24 38.06 28.45
CA THR F 76 20.23 38.20 27.40
C THR F 76 20.78 37.63 26.09
N ILE F 77 20.24 36.48 25.68
CA ILE F 77 20.73 35.72 24.53
C ILE F 77 19.74 35.81 23.37
N SER F 78 20.20 36.36 22.24
CA SER F 78 19.40 36.43 21.02
C SER F 78 19.23 35.02 20.42
N PRO F 79 18.11 34.77 19.70
CA PRO F 79 17.81 33.40 19.23
C PRO F 79 18.83 32.81 18.25
N ASP F 80 19.48 33.64 17.44
CA ASP F 80 20.57 33.18 16.55
C ASP F 80 21.77 32.60 17.33
N TYR F 81 22.04 33.16 18.50
CA TYR F 81 23.01 32.60 19.46
C TYR F 81 22.39 31.47 20.31
N ALA F 82 21.11 31.61 20.67
CA ALA F 82 20.38 30.58 21.44
C ALA F 82 19.83 29.47 20.53
N TYR F 83 18.51 29.41 20.31
CA TYR F 83 17.86 28.26 19.64
C TYR F 83 17.20 28.53 18.28
N GLY F 84 17.12 29.80 17.87
CA GLY F 84 16.83 30.15 16.48
C GLY F 84 15.39 29.97 16.03
N ALA F 85 15.22 29.61 14.75
CA ALA F 85 13.89 29.53 14.12
C ALA F 85 13.06 28.33 14.57
N THR F 86 13.70 27.16 14.66
CA THR F 86 13.01 25.94 15.07
C THR F 86 12.62 25.97 16.55
N GLY F 87 13.61 26.27 17.40
CA GLY F 87 13.39 26.30 18.85
C GLY F 87 13.20 24.91 19.42
N HIS F 88 12.39 24.82 20.49
CA HIS F 88 12.06 23.55 21.14
C HIS F 88 10.60 23.51 21.53
N PRO F 89 9.77 22.73 20.81
CA PRO F 89 8.34 22.59 21.14
C PRO F 89 8.06 22.18 22.59
N GLY F 90 7.09 22.84 23.21
CA GLY F 90 6.73 22.61 24.61
C GLY F 90 7.55 23.40 25.63
N ILE F 91 8.57 24.14 25.18
CA ILE F 91 9.56 24.77 26.06
C ILE F 91 9.99 26.16 25.59
N ILE F 92 10.44 26.25 24.34
CA ILE F 92 10.96 27.50 23.76
C ILE F 92 10.34 27.76 22.38
N PRO F 93 9.62 28.90 22.22
CA PRO F 93 9.07 29.24 20.90
C PRO F 93 10.12 29.63 19.83
N PRO F 94 9.68 29.84 18.58
CA PRO F 94 10.54 30.41 17.53
C PRO F 94 11.02 31.83 17.85
N HIS F 95 12.25 32.15 17.44
CA HIS F 95 12.86 33.48 17.65
C HIS F 95 12.86 33.94 19.10
N ALA F 96 13.09 32.99 20.01
CA ALA F 96 12.99 33.25 21.45
C ALA F 96 14.25 33.93 21.98
N THR F 97 14.13 35.22 22.32
CA THR F 97 15.20 35.96 22.99
C THR F 97 15.24 35.56 24.46
N LEU F 98 16.11 34.61 24.80
CA LEU F 98 16.16 34.01 26.13
C LEU F 98 16.87 34.92 27.14
N VAL F 99 16.49 34.77 28.42
CA VAL F 99 17.08 35.51 29.54
C VAL F 99 17.38 34.54 30.68
N PHE F 100 18.67 34.31 30.95
CA PHE F 100 19.11 33.43 32.04
C PHE F 100 19.60 34.23 33.24
N ASP F 101 19.39 33.67 34.43
CA ASP F 101 19.86 34.26 35.70
C ASP F 101 20.97 33.36 36.24
N VAL F 102 22.19 33.54 35.72
CA VAL F 102 23.31 32.63 35.99
C VAL F 102 24.23 33.16 37.10
N GLU F 103 24.47 32.33 38.11
CA GLU F 103 25.46 32.59 39.17
C GLU F 103 26.61 31.57 39.07
N LEU F 104 27.82 32.07 38.80
CA LEU F 104 29.03 31.23 38.76
C LEU F 104 29.50 30.97 40.19
N LEU F 105 29.26 29.76 40.69
CA LEU F 105 29.53 29.41 42.09
C LEU F 105 31.01 29.12 42.34
N LYS F 106 31.60 28.26 41.51
CA LYS F 106 33.00 27.87 41.66
C LYS F 106 33.52 27.17 40.40
N LEU F 107 34.83 26.88 40.40
CA LEU F 107 35.48 26.15 39.31
C LEU F 107 36.17 24.90 39.86
N GLU F 108 36.20 23.85 39.03
CA GLU F 108 36.86 22.59 39.39
C GLU F 108 37.28 21.82 38.14
N ASP G 9 -49.94 31.54 43.28
CA ASP G 9 -51.02 30.63 43.78
C ASP G 9 -50.79 29.19 43.32
N SER G 10 -50.96 28.24 44.25
CA SER G 10 -50.70 26.81 44.01
C SER G 10 -51.63 26.16 42.98
N LEU G 11 -52.84 26.68 42.85
CA LEU G 11 -53.82 26.19 41.88
C LEU G 11 -53.71 26.89 40.52
N GLU G 12 -52.86 27.91 40.43
CA GLU G 12 -52.62 28.62 39.16
C GLU G 12 -51.68 27.75 38.30
N PRO G 13 -52.11 27.40 37.07
CA PRO G 13 -51.22 26.61 36.21
C PRO G 13 -49.81 27.19 35.97
N ARG G 14 -49.67 28.52 36.05
CA ARG G 14 -48.36 29.19 35.89
C ARG G 14 -47.29 28.69 36.87
N LEU G 15 -47.62 28.55 38.15
CA LEU G 15 -46.65 28.14 39.18
C LEU G 15 -46.10 26.75 38.91
N GLN G 16 -46.99 25.79 38.61
CA GLN G 16 -46.57 24.42 38.28
C GLN G 16 -45.73 24.35 36.98
N ARG G 17 -46.10 25.16 35.98
CA ARG G 17 -45.32 25.26 34.73
C ARG G 17 -43.90 25.78 34.98
N GLU G 18 -43.78 26.86 35.74
CA GLU G 18 -42.49 27.42 36.10
C GLU G 18 -41.65 26.48 36.97
N LEU G 19 -42.29 25.78 37.90
CA LEU G 19 -41.60 24.79 38.73
C LEU G 19 -40.96 23.73 37.86
N GLU G 20 -41.74 23.14 36.96
CA GLU G 20 -41.26 22.10 36.06
C GLU G 20 -40.15 22.58 35.11
N ARG G 21 -40.27 23.80 34.58
CA ARG G 21 -39.23 24.37 33.71
C ARG G 21 -37.92 24.49 34.47
N LEU G 22 -37.98 25.10 35.65
CA LEU G 22 -36.79 25.36 36.47
C LEU G 22 -36.13 24.09 36.99
N GLN G 23 -36.94 23.12 37.43
CA GLN G 23 -36.42 21.80 37.84
C GLN G 23 -35.67 21.12 36.70
N ALA G 24 -36.29 21.08 35.53
CA ALA G 24 -35.70 20.43 34.36
C ALA G 24 -34.43 21.16 33.93
N ALA G 25 -34.47 22.49 33.88
CA ALA G 25 -33.28 23.30 33.52
C ALA G 25 -32.12 23.15 34.51
N LEU G 26 -32.41 23.15 35.81
CA LEU G 26 -31.39 23.00 36.84
C LEU G 26 -30.73 21.62 36.78
N ARG G 27 -31.56 20.58 36.74
CA ARG G 27 -31.13 19.18 36.56
C ARG G 27 -30.25 18.97 35.33
N GLN G 28 -30.68 19.56 34.22
CA GLN G 28 -29.97 19.53 32.94
C GLN G 28 -28.55 20.12 33.06
N THR G 29 -28.45 21.28 33.68
CA THR G 29 -27.17 21.97 33.86
C THR G 29 -26.22 21.29 34.85
N GLU G 30 -26.79 20.72 35.92
CA GLU G 30 -26.01 19.96 36.90
C GLU G 30 -25.32 18.75 36.27
N ALA G 31 -26.02 18.06 35.37
CA ALA G 31 -25.45 16.90 34.69
C ALA G 31 -24.27 17.29 33.78
N ARG G 32 -24.42 18.39 33.05
CA ARG G 32 -23.31 18.96 32.27
C ARG G 32 -22.13 19.42 33.12
N GLU G 33 -22.41 20.10 34.24
CA GLU G 33 -21.36 20.54 35.18
C GLU G 33 -20.50 19.36 35.62
N ILE G 34 -21.16 18.30 36.07
CA ILE G 34 -20.52 17.06 36.51
C ILE G 34 -19.64 16.44 35.42
N GLU G 35 -20.13 16.39 34.18
CA GLU G 35 -19.36 15.85 33.05
C GLU G 35 -18.08 16.67 32.79
N TRP G 36 -18.20 18.00 32.83
CA TRP G 36 -17.03 18.89 32.68
C TRP G 36 -16.05 18.79 33.82
N ARG G 37 -16.57 18.71 35.05
CA ARG G 37 -15.73 18.51 36.23
C ARG G 37 -14.90 17.24 36.09
N GLU G 38 -15.56 16.14 35.74
CA GLU G 38 -14.90 14.85 35.55
C GLU G 38 -13.88 14.85 34.41
N LYS G 39 -14.19 15.59 33.33
CA LYS G 39 -13.23 15.79 32.23
C LYS G 39 -12.00 16.59 32.69
N ALA G 40 -12.22 17.62 33.51
CA ALA G 40 -11.11 18.44 34.01
C ALA G 40 -10.19 17.64 34.93
N GLN G 41 -10.79 16.80 35.76
CA GLN G 41 -10.05 15.93 36.68
C GLN G 41 -9.23 14.89 35.93
N ASP G 42 -9.81 14.31 34.87
CA ASP G 42 -9.12 13.34 34.02
C ASP G 42 -7.96 13.95 33.23
N LEU G 43 -8.13 15.19 32.78
CA LEU G 43 -7.05 15.93 32.11
C LEU G 43 -5.93 16.33 33.08
N ALA G 44 -6.31 16.66 34.31
CA ALA G 44 -5.35 16.97 35.38
C ALA G 44 -4.47 15.76 35.72
N LEU G 45 -5.09 14.58 35.78
CA LEU G 45 -4.36 13.32 36.01
C LEU G 45 -3.43 12.99 34.84
N SER G 46 -3.94 13.14 33.61
CA SER G 46 -3.15 12.91 32.40
C SER G 46 -1.94 13.85 32.34
N LEU G 47 -2.16 15.12 32.68
CA LEU G 47 -1.09 16.13 32.73
C LEU G 47 -0.01 15.80 33.76
N ALA G 48 -0.42 15.30 34.93
CA ALA G 48 0.52 14.93 36.00
C ALA G 48 1.44 13.80 35.56
N GLN G 49 0.87 12.78 34.92
CA GLN G 49 1.63 11.63 34.40
C GLN G 49 2.60 12.00 33.28
N THR G 50 2.20 12.95 32.43
CA THR G 50 3.06 13.45 31.35
C THR G 50 4.21 14.31 31.89
N LYS G 51 3.93 15.12 32.90
CA LYS G 51 4.97 15.91 33.59
C LYS G 51 5.97 15.05 34.37
N ALA G 52 5.52 13.89 34.86
CA ALA G 52 6.41 12.88 35.44
C ALA G 52 7.37 12.34 34.38
N SER G 53 6.83 11.99 33.22
CA SER G 53 7.61 11.54 32.06
C SER G 53 8.66 12.59 31.64
N VAL G 54 8.25 13.87 31.66
CA VAL G 54 9.15 15.00 31.43
C VAL G 54 10.27 15.08 32.49
N SER G 55 9.95 14.83 33.76
CA SER G 55 10.95 14.83 34.84
C SER G 55 12.00 13.73 34.66
N SER G 56 11.51 12.52 34.36
CA SER G 56 12.38 11.37 34.09
C SER G 56 13.34 11.59 32.93
N LEU G 57 12.83 12.14 31.83
CA LEU G 57 13.66 12.45 30.65
C LEU G 57 14.67 13.56 30.91
N GLN G 58 14.34 14.51 31.79
CA GLN G 58 15.27 15.56 32.18
C GLN G 58 16.44 15.00 33.00
N GLU G 59 16.14 14.10 33.93
CA GLU G 59 17.18 13.43 34.72
C GLU G 59 18.08 12.56 33.84
N VAL G 60 17.48 11.87 32.87
CA VAL G 60 18.25 11.14 31.85
C VAL G 60 19.20 12.09 31.10
N ALA G 61 18.68 13.24 30.69
CA ALA G 61 19.48 14.29 30.05
C ALA G 61 20.59 14.87 30.94
N MET G 62 20.33 15.01 32.24
CA MET G 62 21.33 15.48 33.20
C MET G 62 22.49 14.48 33.35
N PHE G 63 22.14 13.19 33.44
CA PHE G 63 23.12 12.10 33.43
C PHE G 63 23.98 12.09 32.16
N LEU G 64 23.37 12.33 31.01
CA LEU G 64 24.10 12.37 29.74
C LEU G 64 25.02 13.58 29.64
N GLN G 65 24.62 14.72 30.19
CA GLN G 65 25.49 15.90 30.25
C GLN G 65 26.68 15.65 31.20
N ALA G 66 26.41 15.07 32.36
CA ALA G 66 27.48 14.64 33.28
C ALA G 66 28.42 13.60 32.65
N SER G 67 27.89 12.76 31.76
CA SER G 67 28.70 11.85 30.95
C SER G 67 29.58 12.61 29.94
N VAL G 68 28.99 13.59 29.25
CA VAL G 68 29.72 14.43 28.29
C VAL G 68 30.84 15.23 28.97
N LEU G 69 30.58 15.71 30.20
CA LEU G 69 31.56 16.44 31.00
C LEU G 69 32.72 15.53 31.39
N GLU G 70 32.39 14.37 31.95
CA GLU G 70 33.35 13.34 32.37
C GLU G 70 34.32 12.98 31.24
N ARG G 71 33.77 12.74 30.04
CA ARG G 71 34.56 12.43 28.85
C ARG G 71 35.44 13.60 28.38
N ASP G 72 34.88 14.82 28.37
CA ASP G 72 35.61 16.03 27.98
C ASP G 72 36.79 16.36 28.90
N SER G 73 36.66 16.02 30.19
CA SER G 73 37.73 16.18 31.17
C SER G 73 38.91 15.24 30.87
N GLU G 74 38.60 13.97 30.62
CA GLU G 74 39.60 12.97 30.25
C GLU G 74 40.23 13.23 28.89
N GLN G 75 39.46 13.81 27.97
CA GLN G 75 39.91 14.07 26.60
C GLN G 75 40.95 15.19 26.54
N GLN G 76 40.75 16.23 27.35
CA GLN G 76 41.74 17.32 27.48
C GLN G 76 43.06 16.80 28.07
N ARG G 77 42.96 15.90 29.05
CA ARG G 77 44.12 15.28 29.69
C ARG G 77 44.95 14.42 28.71
N LEU G 78 44.27 13.66 27.85
CA LEU G 78 44.95 12.85 26.83
C LEU G 78 45.60 13.69 25.73
N GLN G 79 44.87 14.70 25.25
CA GLN G 79 45.39 15.62 24.22
C GLN G 79 46.65 16.36 24.69
N ASP G 80 46.71 16.69 25.98
CA ASP G 80 47.88 17.33 26.58
C ASP G 80 49.11 16.42 26.55
N GLU G 81 48.92 15.16 26.96
CA GLU G 81 50.02 14.18 26.98
C GLU G 81 50.45 13.76 25.57
N LEU G 82 49.50 13.70 24.64
CA LEU G 82 49.83 13.52 23.21
C LEU G 82 50.70 14.66 22.69
N GLU G 83 50.38 15.90 23.11
CA GLU G 83 51.16 17.08 22.74
C GLU G 83 52.56 17.09 23.37
N LEU G 84 52.66 16.60 24.61
CA LEU G 84 53.97 16.42 25.28
C LEU G 84 54.86 15.42 24.53
N THR G 85 54.34 14.20 24.38
CA THR G 85 55.05 13.11 23.70
C THR G 85 55.45 13.45 22.26
N ARG G 86 54.63 14.26 21.59
CA ARG G 86 54.96 14.78 20.24
C ARG G 86 56.23 15.65 20.24
N ARG G 87 56.34 16.53 21.24
CA ARG G 87 57.53 17.38 21.41
C ARG G 87 58.74 16.56 21.88
N ALA G 88 58.53 15.64 22.82
CA ALA G 88 59.58 14.74 23.31
C ALA G 88 60.08 13.76 22.23
N LEU G 89 59.23 13.45 21.23
CA LEU G 89 59.64 12.64 20.08
C LEU G 89 60.60 13.42 19.19
N GLU G 90 60.21 14.64 18.81
CA GLU G 90 61.05 15.54 18.00
C GLU G 90 62.32 16.02 18.74
N LYS G 91 62.25 16.10 20.07
CA LYS G 91 63.42 16.43 20.89
C LYS G 91 64.47 15.32 20.88
N GLU G 92 64.00 14.06 20.85
CA GLU G 92 64.89 12.89 20.81
C GLU G 92 65.65 12.75 19.48
N ARG G 93 65.09 13.29 18.40
CA ARG G 93 65.71 13.22 17.06
C ARG G 93 67.04 13.99 16.95
N LEU G 94 67.12 15.16 17.61
CA LEU G 94 68.31 16.00 17.57
C LEU G 94 69.46 15.40 18.38
N HIS G 95 69.23 15.19 19.67
CA HIS G 95 70.23 14.60 20.57
C HIS G 95 70.38 13.13 20.33
N LEU H 11 -46.95 28.59 53.28
CA LEU H 11 -46.70 27.54 52.26
C LEU H 11 -46.84 28.09 50.84
N GLU H 12 -47.95 28.79 50.58
CA GLU H 12 -48.21 29.44 49.28
C GLU H 12 -47.11 30.44 48.86
N PRO H 13 -46.77 31.41 49.74
CA PRO H 13 -45.58 32.23 49.48
C PRO H 13 -44.28 31.42 49.49
N ARG H 14 -44.23 30.34 50.28
CA ARG H 14 -43.08 29.44 50.33
C ARG H 14 -42.76 28.80 48.97
N LEU H 15 -43.80 28.46 48.20
CA LEU H 15 -43.63 27.86 46.88
C LEU H 15 -43.15 28.88 45.84
N GLN H 16 -43.66 30.12 45.93
CA GLN H 16 -43.15 31.23 45.11
C GLN H 16 -41.67 31.52 45.42
N ARG H 17 -41.30 31.47 46.71
CA ARG H 17 -39.89 31.61 47.11
C ARG H 17 -39.02 30.45 46.65
N GLU H 18 -39.58 29.25 46.58
CA GLU H 18 -38.86 28.10 46.03
C GLU H 18 -38.51 28.30 44.55
N LEU H 19 -39.41 28.90 43.76
CA LEU H 19 -39.11 29.26 42.38
C LEU H 19 -37.92 30.22 42.32
N GLU H 20 -37.91 31.22 43.19
CA GLU H 20 -36.83 32.21 43.24
C GLU H 20 -35.48 31.60 43.62
N ARG H 21 -35.50 30.62 44.52
CA ARG H 21 -34.30 29.88 44.91
C ARG H 21 -33.78 29.04 43.76
N LEU H 22 -34.68 28.38 43.02
CA LEU H 22 -34.32 27.61 41.83
C LEU H 22 -33.69 28.48 40.74
N GLN H 23 -34.24 29.68 40.54
CA GLN H 23 -33.69 30.65 39.58
C GLN H 23 -32.25 31.01 39.92
N ALA H 24 -32.02 31.30 41.20
CA ALA H 24 -30.68 31.63 41.69
C ALA H 24 -29.74 30.43 41.61
N ALA H 25 -30.20 29.26 42.04
CA ALA H 25 -29.41 28.02 41.92
C ALA H 25 -29.06 27.69 40.47
N LEU H 26 -30.01 27.93 39.55
CA LEU H 26 -29.81 27.67 38.12
C LEU H 26 -28.67 28.51 37.54
N ARG H 27 -28.70 29.82 37.79
CA ARG H 27 -27.68 30.76 37.31
C ARG H 27 -26.30 30.48 37.91
N GLN H 28 -26.27 30.16 39.20
CA GLN H 28 -25.03 29.74 39.87
C GLN H 28 -24.44 28.50 39.22
N THR H 29 -25.31 27.52 38.92
CA THR H 29 -24.88 26.26 38.33
C THR H 29 -24.38 26.47 36.89
N GLU H 30 -25.07 27.32 36.12
CA GLU H 30 -24.62 27.67 34.77
C GLU H 30 -23.21 28.32 34.79
N ALA H 31 -22.99 29.25 35.71
CA ALA H 31 -21.68 29.91 35.85
C ALA H 31 -20.59 28.91 36.28
N ARG H 32 -20.96 27.96 37.14
CA ARG H 32 -20.05 26.91 37.61
C ARG H 32 -19.68 25.94 36.47
N GLU H 33 -20.66 25.60 35.63
CA GLU H 33 -20.44 24.77 34.45
C GLU H 33 -19.37 25.38 33.53
N ILE H 34 -19.52 26.67 33.26
CA ILE H 34 -18.59 27.40 32.39
C ILE H 34 -17.16 27.41 32.98
N GLU H 35 -17.06 27.57 34.30
CA GLU H 35 -15.77 27.52 35.01
C GLU H 35 -15.06 26.17 34.84
N TRP H 36 -15.79 25.07 35.00
CA TRP H 36 -15.25 23.73 34.78
C TRP H 36 -14.87 23.48 33.34
N ARG H 37 -15.67 23.99 32.40
CA ARG H 37 -15.37 23.84 30.97
C ARG H 37 -14.09 24.57 30.58
N GLU H 38 -13.98 25.84 31.02
CA GLU H 38 -12.81 26.66 30.73
C GLU H 38 -11.52 26.15 31.41
N LYS H 39 -11.66 25.53 32.58
CA LYS H 39 -10.55 24.86 33.25
C LYS H 39 -10.11 23.63 32.44
N ALA H 40 -11.07 22.84 31.99
CA ALA H 40 -10.82 21.68 31.11
C ALA H 40 -10.11 22.08 29.81
N GLN H 41 -10.48 23.22 29.25
CA GLN H 41 -9.82 23.77 28.05
C GLN H 41 -8.39 24.24 28.35
N ASP H 42 -8.19 24.93 29.48
CA ASP H 42 -6.85 25.33 29.95
C ASP H 42 -5.93 24.12 30.17
N LEU H 43 -6.46 23.09 30.84
CA LEU H 43 -5.72 21.84 31.07
C LEU H 43 -5.38 21.09 29.78
N ALA H 44 -6.28 21.14 28.79
CA ALA H 44 -6.07 20.51 27.49
C ALA H 44 -4.97 21.21 26.69
N LEU H 45 -4.96 22.54 26.76
CA LEU H 45 -3.88 23.36 26.16
C LEU H 45 -2.53 23.05 26.83
N SER H 46 -2.55 22.91 28.16
CA SER H 46 -1.35 22.64 28.95
C SER H 46 -0.80 21.24 28.67
N LEU H 47 -1.69 20.24 28.65
CA LEU H 47 -1.34 18.86 28.30
C LEU H 47 -0.71 18.70 26.90
N ALA H 48 -1.17 19.47 25.93
CA ALA H 48 -0.62 19.44 24.57
C ALA H 48 0.81 20.01 24.51
N GLN H 49 1.04 21.10 25.23
CA GLN H 49 2.39 21.67 25.38
C GLN H 49 3.34 20.70 26.08
N THR H 50 2.83 19.99 27.08
CA THR H 50 3.62 19.02 27.85
C THR H 50 4.02 17.79 27.03
N LYS H 51 3.09 17.28 26.23
CA LYS H 51 3.39 16.16 25.31
C LYS H 51 4.40 16.57 24.24
N ALA H 52 4.29 17.81 23.74
CA ALA H 52 5.30 18.42 22.88
C ALA H 52 6.67 18.55 23.59
N SER H 53 6.63 18.87 24.88
CA SER H 53 7.83 18.93 25.73
C SER H 53 8.53 17.57 25.88
N VAL H 54 7.75 16.49 25.91
CA VAL H 54 8.29 15.12 26.04
C VAL H 54 9.05 14.70 24.78
N SER H 55 8.50 15.04 23.61
CA SER H 55 9.17 14.79 22.34
C SER H 55 10.45 15.61 22.19
N SER H 56 10.42 16.86 22.62
CA SER H 56 11.56 17.76 22.48
C SER H 56 12.74 17.42 23.40
N LEU H 57 12.46 16.83 24.57
CA LEU H 57 13.51 16.31 25.45
C LEU H 57 14.08 14.98 24.96
N GLN H 58 13.24 14.14 24.35
CA GLN H 58 13.69 12.89 23.69
C GLN H 58 14.79 13.15 22.65
N GLU H 59 14.63 14.20 21.85
CA GLU H 59 15.60 14.59 20.82
C GLU H 59 16.87 15.18 21.44
N VAL H 60 16.72 15.94 22.53
CA VAL H 60 17.86 16.50 23.27
C VAL H 60 18.73 15.37 23.87
N ALA H 61 18.08 14.36 24.42
CA ALA H 61 18.76 13.16 24.92
C ALA H 61 19.46 12.37 23.80
N MET H 62 18.86 12.34 22.61
CA MET H 62 19.48 11.72 21.42
C MET H 62 20.75 12.46 21.00
N PHE H 63 20.70 13.79 21.03
CA PHE H 63 21.88 14.63 20.77
C PHE H 63 23.02 14.41 21.78
N LEU H 64 22.67 14.36 23.07
CA LEU H 64 23.65 14.19 24.14
C LEU H 64 24.28 12.79 24.15
N GLN H 65 23.52 11.77 23.76
CA GLN H 65 24.07 10.44 23.55
C GLN H 65 24.98 10.38 22.31
N ALA H 66 24.59 11.07 21.23
CA ALA H 66 25.44 11.17 20.05
C ALA H 66 26.76 11.88 20.37
N SER H 67 26.68 12.88 21.25
CA SER H 67 27.86 13.55 21.79
C SER H 67 28.74 12.60 22.59
N VAL H 68 28.13 11.85 23.52
CA VAL H 68 28.85 10.86 24.32
C VAL H 68 29.59 9.83 23.46
N LEU H 69 28.91 9.36 22.40
CA LEU H 69 29.53 8.46 21.42
C LEU H 69 30.68 9.14 20.65
N GLU H 70 30.47 10.39 20.21
CA GLU H 70 31.49 11.19 19.52
C GLU H 70 32.76 11.33 20.37
N ARG H 71 32.57 11.71 21.64
CA ARG H 71 33.66 11.78 22.61
C ARG H 71 34.40 10.44 22.80
N ASP H 72 33.65 9.34 22.88
CA ASP H 72 34.23 8.00 23.08
C ASP H 72 34.98 7.44 21.86
N SER H 73 34.56 7.83 20.66
CA SER H 73 35.32 7.52 19.44
C SER H 73 36.60 8.36 19.36
N GLU H 74 36.50 9.63 19.74
CA GLU H 74 37.66 10.53 19.81
C GLU H 74 38.65 10.12 20.90
N GLN H 75 38.15 9.57 22.00
CA GLN H 75 39.00 9.05 23.09
C GLN H 75 39.77 7.79 22.68
N GLN H 76 39.12 6.93 21.88
CA GLN H 76 39.77 5.75 21.28
C GLN H 76 40.91 6.12 20.34
N ARG H 77 40.67 7.06 19.42
CA ARG H 77 41.67 7.40 18.41
C ARG H 77 42.86 8.19 18.98
N LEU H 78 42.60 8.99 20.02
CA LEU H 78 43.66 9.75 20.70
C LEU H 78 44.58 8.82 21.50
N GLN H 79 43.99 7.87 22.23
CA GLN H 79 44.74 6.80 22.90
C GLN H 79 45.62 6.03 21.92
N ASP H 80 45.06 5.67 20.76
CA ASP H 80 45.79 4.96 19.71
C ASP H 80 46.96 5.79 19.17
N GLU H 81 46.69 7.07 18.88
CA GLU H 81 47.72 8.00 18.40
C GLU H 81 48.79 8.25 19.45
N LEU H 82 48.39 8.36 20.72
CA LEU H 82 49.33 8.48 21.83
C LEU H 82 50.21 7.23 21.95
N GLU H 83 49.63 6.07 21.70
CA GLU H 83 50.36 4.82 21.81
C GLU H 83 51.35 4.63 20.64
N LEU H 84 50.94 5.01 19.44
CA LEU H 84 51.85 5.03 18.28
C LEU H 84 52.98 6.04 18.48
N THR H 85 52.65 7.19 19.08
CA THR H 85 53.63 8.21 19.42
C THR H 85 54.67 7.72 20.44
N ARG H 86 54.22 6.95 21.44
CA ARG H 86 55.13 6.38 22.44
C ARG H 86 55.99 5.22 21.90
N ARG H 87 55.44 4.41 21.00
CA ARG H 87 56.21 3.35 20.33
C ARG H 87 57.31 3.94 19.43
N ALA H 88 57.01 5.04 18.74
CA ALA H 88 58.01 5.75 17.93
C ALA H 88 59.11 6.40 18.79
N LEU H 89 58.73 6.86 19.99
CA LEU H 89 59.68 7.43 20.96
C LEU H 89 60.63 6.38 21.54
N GLU H 90 60.08 5.21 21.88
CA GLU H 90 60.88 4.09 22.42
C GLU H 90 61.92 3.55 21.43
N LYS H 91 61.57 3.53 20.14
CA LYS H 91 62.49 3.10 19.08
C LYS H 91 63.71 4.01 18.92
N GLU H 92 63.49 5.32 18.97
CA GLU H 92 64.58 6.30 18.82
C GLU H 92 65.52 6.40 20.02
N ARG H 93 65.08 5.97 21.20
CA ARG H 93 65.97 5.85 22.36
C ARG H 93 66.96 4.69 22.24
N LEU H 94 66.60 3.65 21.49
CA LEU H 94 67.54 2.60 21.10
C LEU H 94 68.47 3.12 20.01
N HIS H 95 67.88 3.63 18.92
CA HIS H 95 68.64 4.29 17.84
C HIS H 95 69.10 5.65 18.31
#